data_7AGH
#
_entry.id   7AGH
#
_cell.length_a   82.085
_cell.length_b   82.224
_cell.length_c   170.970
_cell.angle_alpha   90.000
_cell.angle_beta   90.000
_cell.angle_gamma   90.000
#
_symmetry.space_group_name_H-M   'P 21 21 21'
#
loop_
_entity.id
_entity.type
_entity.pdbx_description
1 polymer 'Sulfofructose kinase'
2 non-polymer 'PHOSPHOAMINOPHOSPHONIC ACID-ADENYLATE ESTER'
3 non-polymer 'MAGNESIUM ION'
4 water water
#
_entity_poly.entity_id   1
_entity_poly.type   'polypeptide(L)'
_entity_poly.pdbx_seq_one_letter_code
;MIRVACVGITVMDRIYYVEGLPTESGKYVARNYTEVGGGPAATAAVAAARLGAQVDFIGRVGDDDTGNSLLAELESWGVN
TRYTKRYNQAKSSQSAIMVDTKGERIIINYPSPDLLPDAEWLEEIDFSQWDVVLADVRWHDGAKKAFTLARQAGVMTVLD
GDITPQDISELVALSDHAAFSEPGLARLTGVKEMASALKQAQTLTNGHVYVTQGSAGCDWLENGGRQHQPAFKVDVVDTT
GAGDVFHGALAVALATSGDLAESVRFASGVAALKCTRPGGRAGIPDCDQTRSFLSLFVLEHHHHHH
;
_entity_poly.pdbx_strand_id   C,D,A,B
#
loop_
_chem_comp.id
_chem_comp.type
_chem_comp.name
_chem_comp.formula
ANP non-polymer 'PHOSPHOAMINOPHOSPHONIC ACID-ADENYLATE ESTER' 'C10 H17 N6 O12 P3'
MG non-polymer 'MAGNESIUM ION' 'Mg 2'
#
# COMPACT_ATOMS: atom_id res chain seq x y z
N MET A 1 15.23 -28.62 38.54
CA MET A 1 15.40 -27.80 37.31
C MET A 1 15.40 -28.77 36.12
N ILE A 2 14.44 -28.64 35.20
CA ILE A 2 14.55 -29.16 33.81
C ILE A 2 15.45 -28.19 33.04
N ARG A 3 16.18 -28.66 32.03
CA ARG A 3 17.18 -27.88 31.27
C ARG A 3 16.68 -27.70 29.82
N VAL A 4 16.30 -26.49 29.43
CA VAL A 4 15.67 -26.16 28.12
C VAL A 4 16.60 -25.25 27.31
N ALA A 5 16.78 -25.54 26.01
CA ALA A 5 17.33 -24.58 25.03
C ALA A 5 16.22 -24.17 24.04
N CYS A 6 16.08 -22.87 23.80
CA CYS A 6 15.10 -22.28 22.88
C CYS A 6 15.87 -21.63 21.73
N VAL A 7 15.76 -22.19 20.54
CA VAL A 7 16.47 -21.75 19.31
C VAL A 7 15.49 -20.98 18.44
N GLY A 8 15.80 -19.74 18.08
CA GLY A 8 15.00 -18.99 17.10
C GLY A 8 15.30 -17.51 17.14
N ILE A 9 14.28 -16.68 16.99
CA ILE A 9 14.48 -15.22 16.81
C ILE A 9 14.13 -14.49 18.11
N THR A 10 14.76 -13.34 18.31
CA THR A 10 14.44 -12.36 19.38
C THR A 10 14.25 -11.01 18.71
N VAL A 11 13.13 -10.36 18.95
CA VAL A 11 12.73 -9.10 18.26
C VAL A 11 12.32 -8.07 19.30
N MET A 12 12.89 -6.87 19.24
CA MET A 12 12.47 -5.75 20.13
C MET A 12 11.20 -5.18 19.53
N ASP A 13 10.12 -5.19 20.30
CA ASP A 13 8.88 -4.43 19.98
C ASP A 13 8.98 -3.07 20.68
N ARG A 14 8.93 -1.97 19.95
CA ARG A 14 8.84 -0.61 20.54
C ARG A 14 7.43 -0.10 20.24
N ILE A 15 6.61 0.07 21.29
CA ILE A 15 5.15 0.31 21.21
C ILE A 15 4.84 1.77 21.53
N TYR A 16 4.32 2.48 20.54
CA TYR A 16 3.93 3.91 20.60
C TYR A 16 2.40 3.97 20.69
N TYR A 17 1.86 4.54 21.77
CA TYR A 17 0.39 4.73 21.98
C TYR A 17 -0.03 6.10 21.44
N VAL A 18 -0.93 6.10 20.46
CA VAL A 18 -1.36 7.31 19.70
C VAL A 18 -2.88 7.47 19.84
N GLU A 19 -3.44 8.60 19.37
CA GLU A 19 -4.90 8.89 19.47
C GLU A 19 -5.55 8.15 18.30
N GLY A 20 -5.08 8.42 17.08
CA GLY A 20 -5.48 7.75 15.83
C GLY A 20 -4.27 7.14 15.13
N LEU A 21 -4.47 6.05 14.37
CA LEU A 21 -3.38 5.40 13.60
C LEU A 21 -2.89 6.35 12.51
N PRO A 22 -1.55 6.51 12.34
CA PRO A 22 -1.02 7.44 11.34
C PRO A 22 -1.33 7.03 9.88
N THR A 23 -2.26 7.73 9.21
CA THR A 23 -2.83 7.35 7.88
C THR A 23 -1.96 7.94 6.77
N GLU A 24 -1.55 9.21 6.90
CA GLU A 24 -0.89 10.01 5.82
C GLU A 24 0.27 10.83 6.42
N SER A 25 1.11 11.42 5.57
CA SER A 25 2.41 12.09 5.92
C SER A 25 2.18 13.17 6.98
N GLY A 26 3.22 13.47 7.79
CA GLY A 26 3.16 14.45 8.89
C GLY A 26 3.70 13.91 10.22
N LYS A 27 3.87 14.81 11.20
CA LYS A 27 4.44 14.54 12.55
C LYS A 27 3.29 14.25 13.54
N TYR A 28 3.38 13.17 14.31
CA TYR A 28 2.40 12.74 15.33
C TYR A 28 3.10 12.60 16.68
N VAL A 29 2.34 12.64 17.78
CA VAL A 29 2.91 12.55 19.16
C VAL A 29 2.38 11.29 19.83
N ALA A 30 3.24 10.49 20.45
CA ALA A 30 2.84 9.33 21.27
C ALA A 30 2.65 9.79 22.70
N ARG A 31 1.42 9.68 23.22
CA ARG A 31 1.06 10.02 24.62
C ARG A 31 1.87 9.10 25.55
N ASN A 32 2.12 7.86 25.12
CA ASN A 32 2.78 6.84 25.95
C ASN A 32 3.63 5.92 25.06
N TYR A 33 4.54 5.20 25.72
CA TYR A 33 5.56 4.34 25.08
C TYR A 33 5.92 3.22 26.04
N THR A 34 6.01 1.99 25.53
CA THR A 34 6.64 0.86 26.24
C THR A 34 7.46 0.05 25.23
N GLU A 35 8.46 -0.69 25.73
CA GLU A 35 9.31 -1.55 24.88
C GLU A 35 9.30 -2.93 25.52
N VAL A 36 9.17 -3.96 24.70
CA VAL A 36 9.03 -5.37 25.16
C VAL A 36 9.64 -6.28 24.10
N GLY A 37 10.29 -7.33 24.56
CA GLY A 37 10.87 -8.34 23.67
C GLY A 37 9.80 -9.27 23.14
N GLY A 38 9.89 -9.62 21.87
CA GLY A 38 9.13 -10.72 21.26
C GLY A 38 10.04 -11.74 20.61
N GLY A 39 9.48 -12.54 19.73
CA GLY A 39 10.14 -13.69 19.10
C GLY A 39 9.55 -14.96 19.66
N PRO A 40 9.03 -15.87 18.82
CA PRO A 40 8.50 -17.15 19.31
C PRO A 40 9.46 -17.84 20.29
N ALA A 41 10.68 -18.17 19.86
CA ALA A 41 11.65 -18.94 20.69
C ALA A 41 11.92 -18.17 21.98
N ALA A 42 12.13 -16.85 21.84
CA ALA A 42 12.43 -15.92 22.96
C ALA A 42 11.29 -15.97 24.00
N THR A 43 10.04 -15.78 23.59
CA THR A 43 8.86 -15.73 24.49
C THR A 43 8.64 -17.13 25.11
N ALA A 44 8.83 -18.21 24.36
CA ALA A 44 8.77 -19.59 24.89
C ALA A 44 9.82 -19.73 26.01
N ALA A 45 11.05 -19.28 25.76
CA ALA A 45 12.16 -19.29 26.75
C ALA A 45 11.69 -18.57 28.02
N VAL A 46 11.13 -17.36 27.89
CA VAL A 46 10.55 -16.59 29.02
C VAL A 46 9.52 -17.45 29.75
N ALA A 47 8.67 -18.18 29.04
CA ALA A 47 7.62 -19.02 29.67
C ALA A 47 8.27 -20.13 30.50
N ALA A 48 9.19 -20.89 29.90
CA ALA A 48 9.88 -22.05 30.51
C ALA A 48 10.60 -21.60 31.80
N ALA A 49 11.22 -20.42 31.76
CA ALA A 49 11.93 -19.81 32.91
C ALA A 49 10.94 -19.55 34.05
N ARG A 50 9.83 -18.88 33.72
CA ARG A 50 8.71 -18.59 34.66
C ARG A 50 8.26 -19.90 35.33
N LEU A 51 8.30 -21.03 34.61
CA LEU A 51 7.81 -22.34 35.12
C LEU A 51 8.92 -23.07 35.90
N GLY A 52 10.09 -22.45 36.05
CA GLY A 52 11.17 -22.93 36.93
C GLY A 52 12.21 -23.76 36.20
N ALA A 53 12.18 -23.80 34.88
CA ALA A 53 13.26 -24.41 34.05
C ALA A 53 14.50 -23.49 34.04
N GLN A 54 15.68 -24.08 33.90
CA GLN A 54 16.93 -23.40 33.47
C GLN A 54 16.84 -23.32 31.95
N VAL A 55 16.78 -22.10 31.41
CA VAL A 55 16.51 -21.85 29.97
C VAL A 55 17.71 -21.13 29.35
N ASP A 56 18.14 -21.62 28.19
CA ASP A 56 19.07 -20.90 27.28
C ASP A 56 18.27 -20.45 26.06
N PHE A 57 18.33 -19.16 25.73
CA PHE A 57 17.96 -18.66 24.39
C PHE A 57 19.21 -18.69 23.51
N ILE A 58 19.10 -19.33 22.34
CA ILE A 58 20.17 -19.43 21.32
C ILE A 58 19.63 -18.85 20.01
N GLY A 59 19.96 -17.60 19.74
CA GLY A 59 19.59 -16.90 18.50
C GLY A 59 20.66 -15.88 18.14
N ARG A 60 20.29 -14.88 17.37
CA ARG A 60 21.21 -13.84 16.87
C ARG A 60 20.64 -12.47 17.25
N VAL A 61 21.51 -11.59 17.71
CA VAL A 61 21.29 -10.12 17.86
C VAL A 61 22.49 -9.42 17.25
N GLY A 62 22.42 -8.10 17.10
CA GLY A 62 23.52 -7.22 16.69
C GLY A 62 24.21 -6.67 17.91
N ASP A 63 25.16 -5.74 17.70
CA ASP A 63 25.93 -5.08 18.79
C ASP A 63 25.39 -3.66 18.97
N ASP A 64 24.10 -3.46 18.69
CA ASP A 64 23.40 -2.16 18.84
C ASP A 64 22.71 -2.11 20.21
N ASP A 65 22.19 -0.94 20.55
CA ASP A 65 21.41 -0.71 21.80
C ASP A 65 20.28 -1.75 21.85
N THR A 66 19.66 -2.06 20.71
CA THR A 66 18.51 -2.99 20.64
C THR A 66 18.96 -4.38 21.10
N GLY A 67 20.04 -4.88 20.50
CA GLY A 67 20.62 -6.20 20.87
C GLY A 67 20.82 -6.29 22.39
N ASN A 68 21.45 -5.25 22.95
CA ASN A 68 21.82 -5.22 24.39
C ASN A 68 20.53 -5.21 25.22
N SER A 69 19.52 -4.44 24.80
CA SER A 69 18.19 -4.38 25.46
C SER A 69 17.52 -5.77 25.42
N LEU A 70 17.52 -6.43 24.25
CA LEU A 70 16.86 -7.75 24.09
C LEU A 70 17.46 -8.76 25.09
N LEU A 71 18.78 -8.90 25.08
CA LEU A 71 19.50 -9.81 26.00
C LEU A 71 19.23 -9.39 27.44
N ALA A 72 19.29 -8.11 27.76
CA ALA A 72 19.01 -7.58 29.11
C ALA A 72 17.60 -8.05 29.55
N GLU A 73 16.57 -7.80 28.74
CA GLU A 73 15.17 -8.16 29.07
C GLU A 73 15.12 -9.67 29.38
N LEU A 74 15.75 -10.48 28.51
CA LEU A 74 15.70 -11.95 28.65
C LEU A 74 16.39 -12.35 29.96
N GLU A 75 17.56 -11.78 30.27
CA GLU A 75 18.29 -12.05 31.54
C GLU A 75 17.35 -11.73 32.71
N SER A 76 16.65 -10.61 32.67
CA SER A 76 15.75 -10.14 33.75
C SER A 76 14.60 -11.14 33.96
N TRP A 77 14.20 -11.86 32.92
CA TRP A 77 13.09 -12.87 32.96
C TRP A 77 13.60 -14.23 33.46
N GLY A 78 14.92 -14.39 33.59
CA GLY A 78 15.55 -15.64 34.04
C GLY A 78 16.06 -16.51 32.92
N VAL A 79 16.23 -15.93 31.74
CA VAL A 79 16.68 -16.65 30.51
C VAL A 79 18.16 -16.36 30.22
N ASN A 80 18.99 -17.38 30.13
CA ASN A 80 20.44 -17.24 29.83
C ASN A 80 20.61 -16.95 28.34
N THR A 81 21.49 -16.02 27.99
CA THR A 81 21.74 -15.54 26.61
C THR A 81 23.20 -15.81 26.22
N ARG A 82 23.89 -16.66 26.98
CA ARG A 82 25.35 -16.91 26.84
C ARG A 82 25.69 -17.44 25.44
N TYR A 83 24.82 -18.25 24.83
CA TYR A 83 25.06 -18.94 23.53
C TYR A 83 24.45 -18.16 22.37
N THR A 84 23.86 -16.99 22.65
CA THR A 84 23.27 -16.11 21.61
C THR A 84 24.44 -15.36 20.95
N LYS A 85 24.53 -15.39 19.62
CA LYS A 85 25.64 -14.75 18.85
C LYS A 85 25.28 -13.27 18.66
N ARG A 86 26.18 -12.38 19.06
CA ARG A 86 26.16 -10.92 18.75
C ARG A 86 27.02 -10.70 17.49
N TYR A 87 26.43 -10.25 16.39
CA TYR A 87 27.14 -9.90 15.14
C TYR A 87 27.75 -8.51 15.31
N ASN A 88 29.03 -8.36 14.96
CA ASN A 88 29.80 -7.09 15.01
C ASN A 88 29.19 -6.15 13.97
N GLN A 89 29.12 -4.85 14.30
CA GLN A 89 28.56 -3.79 13.42
C GLN A 89 27.26 -4.28 12.74
N ALA A 90 26.23 -4.64 13.52
CA ALA A 90 24.97 -5.25 13.02
C ALA A 90 23.77 -4.69 13.79
N LYS A 91 22.68 -4.42 13.04
CA LYS A 91 21.37 -4.03 13.59
C LYS A 91 20.61 -5.31 13.97
N SER A 92 19.96 -5.31 15.13
CA SER A 92 19.07 -6.40 15.59
C SER A 92 17.71 -6.26 14.92
N SER A 93 16.88 -7.29 14.99
CA SER A 93 15.49 -7.23 14.49
C SER A 93 14.65 -6.44 15.48
N GLN A 94 13.81 -5.55 14.95
CA GLN A 94 12.96 -4.67 15.79
C GLN A 94 11.69 -4.35 15.01
N SER A 95 10.61 -4.10 15.74
CA SER A 95 9.33 -3.58 15.21
C SER A 95 9.04 -2.24 15.91
N ALA A 96 8.59 -1.26 15.13
CA ALA A 96 7.84 -0.11 15.67
C ALA A 96 6.35 -0.44 15.56
N ILE A 97 5.63 -0.38 16.68
CA ILE A 97 4.16 -0.69 16.72
C ILE A 97 3.44 0.57 17.21
N MET A 98 2.54 1.08 16.37
CA MET A 98 1.57 2.16 16.71
C MET A 98 0.27 1.52 17.17
N VAL A 99 -0.25 1.94 18.32
CA VAL A 99 -1.52 1.45 18.92
C VAL A 99 -2.45 2.64 19.12
N ASP A 100 -3.63 2.54 18.50
CA ASP A 100 -4.83 3.38 18.58
C ASP A 100 -5.43 3.27 19.99
N THR A 101 -6.38 4.16 20.28
CA THR A 101 -7.34 4.11 21.42
C THR A 101 -8.26 2.87 21.33
N LYS A 102 -8.57 2.39 20.12
CA LYS A 102 -9.32 1.12 19.88
C LYS A 102 -8.47 -0.09 20.33
N GLY A 103 -7.14 -0.05 20.12
CA GLY A 103 -6.23 -1.21 20.25
C GLY A 103 -5.74 -1.71 18.88
N GLU A 104 -6.28 -1.14 17.80
CA GLU A 104 -5.82 -1.35 16.40
C GLU A 104 -4.32 -1.04 16.34
N ARG A 105 -3.56 -1.91 15.66
CA ARG A 105 -2.08 -1.86 15.59
C ARG A 105 -1.68 -1.56 14.13
N ILE A 106 -0.63 -0.74 13.96
CA ILE A 106 0.25 -0.74 12.76
C ILE A 106 1.58 -1.31 13.22
N ILE A 107 2.04 -2.38 12.58
CA ILE A 107 3.35 -3.02 12.89
C ILE A 107 4.27 -2.81 11.69
N ILE A 108 5.40 -2.13 11.92
CA ILE A 108 6.52 -2.03 10.95
C ILE A 108 7.61 -2.95 11.46
N ASN A 109 7.75 -4.15 10.88
CA ASN A 109 8.77 -5.12 11.31
C ASN A 109 9.99 -4.96 10.40
N TYR A 110 11.17 -4.82 11.00
CA TYR A 110 12.47 -4.95 10.31
C TYR A 110 13.16 -6.25 10.72
N PRO A 111 13.11 -7.32 9.90
CA PRO A 111 13.89 -8.53 10.18
C PRO A 111 15.30 -8.26 9.66
N SER A 112 16.31 -8.14 10.53
CA SER A 112 17.64 -7.58 10.16
C SER A 112 18.35 -8.56 9.24
N PRO A 113 18.76 -8.14 8.02
CA PRO A 113 19.57 -8.99 7.15
C PRO A 113 21.03 -9.09 7.65
N ASP A 114 21.48 -8.21 8.56
CA ASP A 114 22.81 -8.29 9.20
C ASP A 114 22.95 -9.56 10.04
N LEU A 115 21.84 -10.15 10.48
CA LEU A 115 21.84 -11.42 11.24
C LEU A 115 21.86 -12.54 10.23
N LEU A 116 22.99 -13.21 10.08
CA LEU A 116 23.21 -14.09 8.90
C LEU A 116 22.51 -15.41 9.16
N PRO A 117 21.86 -15.97 8.12
CA PRO A 117 21.07 -17.19 8.28
C PRO A 117 21.94 -18.43 8.58
N ASP A 118 23.21 -18.42 8.17
CA ASP A 118 24.10 -19.61 8.37
C ASP A 118 24.11 -19.92 9.87
N ALA A 119 23.97 -21.19 10.21
CA ALA A 119 23.86 -21.71 11.59
C ALA A 119 25.00 -22.71 11.87
N GLU A 120 26.02 -22.75 10.98
CA GLU A 120 27.23 -23.60 11.14
C GLU A 120 27.84 -23.35 12.53
N TRP A 121 27.76 -22.12 13.05
CA TRP A 121 28.38 -21.75 14.36
C TRP A 121 27.77 -22.56 15.53
N LEU A 122 26.58 -23.15 15.38
CA LEU A 122 25.94 -23.94 16.47
C LEU A 122 26.70 -25.24 16.68
N GLU A 123 27.52 -25.65 15.70
CA GLU A 123 28.38 -26.86 15.78
C GLU A 123 29.37 -26.69 16.94
N GLU A 124 29.68 -25.45 17.33
CA GLU A 124 30.56 -25.12 18.50
C GLU A 124 29.84 -25.37 19.85
N ILE A 125 28.56 -25.71 19.85
CA ILE A 125 27.77 -25.88 21.12
C ILE A 125 27.51 -27.36 21.34
N ASP A 126 27.60 -27.80 22.60
CA ASP A 126 27.32 -29.20 23.04
C ASP A 126 25.89 -29.27 23.57
N PHE A 127 24.98 -29.83 22.74
CA PHE A 127 23.51 -29.84 22.96
C PHE A 127 23.14 -30.89 24.01
N SER A 128 24.11 -31.71 24.44
CA SER A 128 23.89 -32.76 25.48
C SER A 128 23.58 -32.13 26.84
N GLN A 129 23.80 -30.82 27.01
CA GLN A 129 23.68 -30.15 28.33
C GLN A 129 22.22 -29.72 28.59
N TRP A 130 21.27 -30.14 27.75
CA TRP A 130 19.83 -29.81 27.90
C TRP A 130 18.98 -31.08 27.76
N ASP A 131 17.81 -31.09 28.40
CA ASP A 131 16.86 -32.23 28.39
C ASP A 131 15.96 -32.14 27.16
N VAL A 132 15.68 -30.92 26.68
CA VAL A 132 14.82 -30.66 25.49
C VAL A 132 15.41 -29.47 24.72
N VAL A 133 15.22 -29.45 23.41
CA VAL A 133 15.55 -28.28 22.54
C VAL A 133 14.24 -27.89 21.82
N LEU A 134 13.80 -26.65 22.02
CA LEU A 134 12.64 -26.06 21.30
C LEU A 134 13.19 -25.11 20.24
N ALA A 135 12.63 -25.14 19.02
CA ALA A 135 13.00 -24.24 17.90
C ALA A 135 11.74 -23.64 17.27
N ASP A 136 11.78 -22.34 16.97
CA ASP A 136 10.78 -21.68 16.09
C ASP A 136 11.27 -21.86 14.64
N VAL A 137 10.42 -21.55 13.66
CA VAL A 137 10.70 -21.78 12.21
C VAL A 137 11.19 -20.48 11.58
N ARG A 138 11.36 -19.40 12.35
CA ARG A 138 11.69 -18.05 11.84
C ARG A 138 13.19 -17.94 11.54
N TRP A 139 14.02 -18.80 12.14
CA TRP A 139 15.45 -19.00 11.77
C TRP A 139 15.63 -20.47 11.35
N HIS A 140 15.39 -20.74 10.08
CA HIS A 140 15.32 -22.10 9.49
C HIS A 140 16.61 -22.87 9.77
N ASP A 141 17.76 -22.34 9.34
CA ASP A 141 19.03 -23.10 9.40
C ASP A 141 19.35 -23.35 10.89
N GLY A 142 19.04 -22.41 11.77
CA GLY A 142 19.14 -22.58 13.24
C GLY A 142 18.38 -23.80 13.71
N ALA A 143 17.07 -23.87 13.44
CA ALA A 143 16.20 -25.00 13.84
C ALA A 143 16.80 -26.29 13.31
N LYS A 144 17.21 -26.32 12.03
CA LYS A 144 17.75 -27.51 11.34
C LYS A 144 19.00 -27.98 12.08
N LYS A 145 20.00 -27.10 12.23
CA LYS A 145 21.31 -27.48 12.81
C LYS A 145 21.08 -27.84 14.27
N ALA A 146 20.31 -27.04 15.00
CA ALA A 146 20.03 -27.24 16.43
C ALA A 146 19.37 -28.61 16.63
N PHE A 147 18.43 -28.98 15.77
CA PHE A 147 17.66 -30.25 15.86
C PHE A 147 18.54 -31.43 15.44
N THR A 148 19.35 -31.27 14.39
CA THR A 148 20.28 -32.33 13.92
C THR A 148 21.21 -32.70 15.09
N LEU A 149 21.82 -31.71 15.74
CA LEU A 149 22.81 -31.91 16.83
C LEU A 149 22.11 -32.49 18.06
N ALA A 150 20.90 -32.05 18.34
CA ALA A 150 20.05 -32.54 19.46
C ALA A 150 19.73 -34.02 19.24
N ARG A 151 19.29 -34.38 18.04
CA ARG A 151 19.02 -35.78 17.63
C ARG A 151 20.26 -36.63 17.91
N GLN A 152 21.43 -36.19 17.43
CA GLN A 152 22.74 -36.88 17.54
C GLN A 152 23.15 -37.09 19.01
N ALA A 153 22.65 -36.27 19.93
CA ALA A 153 22.97 -36.35 21.38
C ALA A 153 21.82 -37.01 22.14
N GLY A 154 20.81 -37.53 21.44
CA GLY A 154 19.61 -38.16 22.02
C GLY A 154 18.79 -37.20 22.87
N VAL A 155 18.76 -35.92 22.51
CA VAL A 155 17.97 -34.86 23.22
C VAL A 155 16.63 -34.65 22.50
N MET A 156 15.55 -34.55 23.26
CA MET A 156 14.17 -34.31 22.73
C MET A 156 14.15 -33.01 21.91
N THR A 157 13.46 -33.01 20.77
CA THR A 157 13.26 -31.81 19.92
C THR A 157 11.76 -31.48 19.85
N VAL A 158 11.43 -30.21 19.98
CA VAL A 158 10.04 -29.67 19.98
C VAL A 158 9.98 -28.47 19.05
N LEU A 159 9.20 -28.56 17.97
CA LEU A 159 9.07 -27.48 16.97
C LEU A 159 7.80 -26.66 17.27
N ASP A 160 7.93 -25.34 17.25
CA ASP A 160 6.77 -24.41 17.07
C ASP A 160 6.62 -24.20 15.57
N GLY A 161 5.82 -25.05 14.93
CA GLY A 161 5.58 -25.02 13.48
C GLY A 161 4.51 -24.00 13.11
N ASP A 162 4.86 -22.71 13.17
CA ASP A 162 3.97 -21.60 12.74
C ASP A 162 4.01 -21.53 11.21
N ILE A 163 3.20 -20.64 10.62
CA ILE A 163 3.21 -20.35 9.15
C ILE A 163 4.51 -19.62 8.79
N THR A 164 5.08 -19.91 7.63
CA THR A 164 6.28 -19.21 7.12
C THR A 164 6.36 -19.42 5.62
N PRO A 165 6.85 -18.42 4.84
CA PRO A 165 7.12 -18.60 3.42
C PRO A 165 7.90 -19.89 3.12
N GLN A 166 8.95 -20.19 3.90
CA GLN A 166 9.86 -21.36 3.63
C GLN A 166 9.13 -22.67 3.99
N ASP A 167 9.61 -23.80 3.48
CA ASP A 167 9.03 -25.16 3.73
C ASP A 167 9.69 -25.78 4.96
N ILE A 168 8.89 -26.18 5.96
CA ILE A 168 9.42 -26.66 7.27
C ILE A 168 9.43 -28.19 7.32
N SER A 169 9.18 -28.86 6.19
CA SER A 169 9.04 -30.35 6.19
C SER A 169 10.32 -31.03 6.69
N GLU A 170 11.51 -30.50 6.39
CA GLU A 170 12.79 -31.06 6.88
C GLU A 170 12.92 -30.81 8.39
N LEU A 171 12.37 -29.71 8.92
CA LEU A 171 12.34 -29.42 10.38
C LEU A 171 11.46 -30.44 11.10
N VAL A 172 10.23 -30.61 10.61
CA VAL A 172 9.26 -31.62 11.11
C VAL A 172 9.94 -33.00 11.13
N ALA A 173 10.64 -33.38 10.05
CA ALA A 173 11.37 -34.65 9.92
C ALA A 173 12.22 -34.87 11.18
N LEU A 174 12.88 -33.82 11.67
CA LEU A 174 13.84 -33.85 12.81
C LEU A 174 13.14 -33.57 14.15
N SER A 175 11.81 -33.51 14.19
CA SER A 175 11.04 -33.12 15.39
C SER A 175 10.48 -34.37 16.08
N ASP A 176 10.89 -34.63 17.32
CA ASP A 176 10.24 -35.65 18.18
C ASP A 176 8.80 -35.20 18.49
N HIS A 177 8.56 -33.88 18.49
CA HIS A 177 7.25 -33.25 18.75
C HIS A 177 7.09 -32.00 17.87
N ALA A 178 6.12 -32.02 16.96
CA ALA A 178 5.83 -30.89 16.04
C ALA A 178 4.44 -30.34 16.37
N ALA A 179 4.42 -29.25 17.16
CA ALA A 179 3.20 -28.52 17.55
C ALA A 179 2.97 -27.38 16.55
N PHE A 180 2.03 -27.56 15.63
CA PHE A 180 1.73 -26.59 14.55
C PHE A 180 0.64 -25.63 15.03
N SER A 181 0.59 -24.46 14.40
CA SER A 181 -0.60 -23.57 14.38
C SER A 181 -1.48 -24.04 13.21
N GLU A 182 -2.75 -23.63 13.18
CA GLU A 182 -3.66 -23.94 12.04
C GLU A 182 -3.01 -23.43 10.77
N PRO A 183 -2.60 -22.13 10.67
CA PRO A 183 -1.94 -21.62 9.48
C PRO A 183 -0.66 -22.41 9.15
N GLY A 184 0.07 -22.82 10.19
CA GLY A 184 1.35 -23.54 10.05
C GLY A 184 1.15 -24.89 9.36
N LEU A 185 0.12 -25.62 9.80
CA LEU A 185 -0.18 -26.98 9.30
C LEU A 185 -0.71 -26.90 7.88
N ALA A 186 -1.57 -25.92 7.62
CA ALA A 186 -2.19 -25.65 6.31
C ALA A 186 -1.09 -25.30 5.29
N ARG A 187 -0.19 -24.36 5.65
CA ARG A 187 0.90 -23.95 4.73
C ARG A 187 1.79 -25.17 4.42
N LEU A 188 2.03 -26.03 5.41
CA LEU A 188 2.99 -27.15 5.27
C LEU A 188 2.40 -28.19 4.33
N THR A 189 1.14 -28.59 4.55
CA THR A 189 0.49 -29.76 3.88
C THR A 189 -0.22 -29.32 2.60
N GLY A 190 -0.75 -28.10 2.56
CA GLY A 190 -1.63 -27.64 1.47
C GLY A 190 -3.03 -28.22 1.61
N VAL A 191 -3.42 -28.61 2.83
CA VAL A 191 -4.77 -29.17 3.16
C VAL A 191 -5.48 -28.22 4.11
N LYS A 192 -6.76 -27.91 3.87
CA LYS A 192 -7.57 -26.95 4.67
C LYS A 192 -8.16 -27.66 5.90
N GLU A 193 -8.51 -28.94 5.77
CA GLU A 193 -9.20 -29.69 6.86
C GLU A 193 -8.13 -30.13 7.86
N MET A 194 -8.18 -29.63 9.11
CA MET A 194 -7.12 -29.84 10.15
C MET A 194 -6.92 -31.33 10.44
N ALA A 195 -8.00 -32.12 10.48
CA ALA A 195 -7.96 -33.57 10.79
C ALA A 195 -7.11 -34.28 9.74
N SER A 196 -7.38 -34.04 8.45
CA SER A 196 -6.68 -34.67 7.30
C SER A 196 -5.22 -34.16 7.21
N ALA A 197 -5.01 -32.86 7.42
CA ALA A 197 -3.69 -32.19 7.41
C ALA A 197 -2.77 -32.83 8.47
N LEU A 198 -3.27 -33.03 9.70
CA LEU A 198 -2.50 -33.65 10.81
C LEU A 198 -2.01 -35.04 10.36
N LYS A 199 -2.91 -35.85 9.80
CA LYS A 199 -2.60 -37.19 9.23
C LYS A 199 -1.48 -37.06 8.19
N GLN A 200 -1.55 -36.08 7.28
CA GLN A 200 -0.54 -35.88 6.20
C GLN A 200 0.79 -35.45 6.84
N ALA A 201 0.75 -34.62 7.89
CA ALA A 201 1.95 -34.14 8.61
C ALA A 201 2.65 -35.32 9.34
N GLN A 202 1.88 -36.24 9.88
CA GLN A 202 2.38 -37.45 10.61
C GLN A 202 3.33 -38.26 9.71
N THR A 203 3.07 -38.31 8.40
CA THR A 203 3.88 -39.08 7.42
C THR A 203 5.31 -38.52 7.38
N LEU A 204 5.53 -37.27 7.77
CA LEU A 204 6.84 -36.57 7.67
C LEU A 204 7.76 -36.94 8.84
N THR A 205 7.26 -37.49 9.95
CA THR A 205 8.06 -37.63 11.21
C THR A 205 7.69 -38.90 11.98
N ASN A 206 8.67 -39.57 12.59
CA ASN A 206 8.44 -40.71 13.53
C ASN A 206 8.06 -40.17 14.91
N GLY A 207 8.06 -38.84 15.09
CA GLY A 207 7.60 -38.17 16.32
C GLY A 207 6.13 -37.84 16.24
N HIS A 208 5.60 -37.22 17.29
CA HIS A 208 4.17 -36.85 17.39
C HIS A 208 3.93 -35.51 16.73
N VAL A 209 2.70 -35.29 16.28
CA VAL A 209 2.26 -33.99 15.67
C VAL A 209 1.05 -33.47 16.46
N TYR A 210 0.99 -32.15 16.62
CA TYR A 210 -0.08 -31.44 17.36
C TYR A 210 -0.53 -30.25 16.50
N VAL A 211 -1.77 -29.79 16.72
CA VAL A 211 -2.26 -28.53 16.12
C VAL A 211 -3.05 -27.77 17.20
N THR A 212 -2.66 -26.52 17.44
CA THR A 212 -3.38 -25.59 18.36
C THR A 212 -4.44 -24.87 17.54
N GLN A 213 -5.61 -24.65 18.14
CA GLN A 213 -6.80 -24.07 17.49
C GLN A 213 -7.44 -23.02 18.40
N GLY A 214 -6.63 -22.17 19.04
CA GLY A 214 -7.09 -21.09 19.92
C GLY A 214 -8.06 -21.60 20.99
N SER A 215 -9.25 -21.00 21.08
CA SER A 215 -10.29 -21.36 22.09
C SER A 215 -10.84 -22.77 21.84
N ALA A 216 -10.60 -23.33 20.64
CA ALA A 216 -11.01 -24.71 20.26
C ALA A 216 -10.04 -25.73 20.87
N GLY A 217 -8.92 -25.28 21.44
CA GLY A 217 -7.99 -26.16 22.20
C GLY A 217 -6.88 -26.69 21.34
N CYS A 218 -6.46 -27.95 21.57
CA CYS A 218 -5.30 -28.60 20.91
C CYS A 218 -5.61 -30.06 20.59
N ASP A 219 -5.24 -30.50 19.38
CA ASP A 219 -5.42 -31.88 18.89
C ASP A 219 -4.07 -32.48 18.51
N TRP A 220 -3.90 -33.78 18.73
CA TRP A 220 -2.68 -34.53 18.35
C TRP A 220 -3.01 -35.97 17.95
N LEU A 221 -2.08 -36.68 17.34
CA LEU A 221 -2.24 -38.10 16.95
C LEU A 221 -1.46 -38.99 17.89
N GLU A 222 -2.15 -39.94 18.53
CA GLU A 222 -1.55 -40.99 19.43
C GLU A 222 -2.13 -42.35 19.03
N ASN A 223 -1.26 -43.28 18.60
CA ASN A 223 -1.61 -44.63 18.09
C ASN A 223 -2.28 -44.52 16.70
N GLY A 224 -2.30 -43.34 16.06
CA GLY A 224 -3.03 -43.08 14.80
C GLY A 224 -4.45 -42.55 15.00
N GLY A 225 -4.92 -42.45 16.27
CA GLY A 225 -6.22 -41.85 16.65
C GLY A 225 -6.09 -40.42 17.17
N ARG A 226 -6.92 -39.49 16.71
CA ARG A 226 -6.89 -38.04 17.07
C ARG A 226 -7.38 -37.86 18.50
N GLN A 227 -6.54 -37.33 19.39
CA GLN A 227 -6.88 -36.93 20.78
C GLN A 227 -7.21 -35.44 20.80
N HIS A 228 -8.00 -35.00 21.76
CA HIS A 228 -8.41 -33.58 21.90
C HIS A 228 -8.28 -33.12 23.36
N GLN A 229 -7.60 -31.99 23.56
CA GLN A 229 -7.62 -31.19 24.79
C GLN A 229 -8.42 -29.92 24.52
N PRO A 230 -9.58 -29.71 25.19
CA PRO A 230 -10.29 -28.44 25.12
C PRO A 230 -9.47 -27.31 25.76
N ALA A 231 -9.61 -26.10 25.23
CA ALA A 231 -9.11 -24.87 25.89
C ALA A 231 -9.80 -24.77 27.26
N PHE A 232 -9.17 -24.10 28.23
CA PHE A 232 -9.80 -23.75 29.51
C PHE A 232 -10.56 -22.44 29.30
N LYS A 233 -11.89 -22.47 29.50
CA LYS A 233 -12.76 -21.26 29.56
C LYS A 233 -12.23 -20.32 30.66
N VAL A 234 -11.83 -19.10 30.30
CA VAL A 234 -11.28 -18.10 31.25
C VAL A 234 -11.74 -16.72 30.80
N ASP A 235 -11.67 -15.73 31.70
CA ASP A 235 -11.95 -14.31 31.41
C ASP A 235 -10.77 -13.79 30.59
N VAL A 236 -10.92 -13.78 29.26
CA VAL A 236 -9.84 -13.47 28.29
C VAL A 236 -9.69 -11.96 28.18
N VAL A 237 -8.49 -11.44 28.46
CA VAL A 237 -8.09 -10.02 28.30
C VAL A 237 -7.25 -9.85 27.02
N ASP A 238 -6.23 -10.68 26.80
CA ASP A 238 -5.21 -10.56 25.71
C ASP A 238 -4.65 -11.96 25.39
N THR A 239 -4.79 -12.42 24.14
CA THR A 239 -4.27 -13.74 23.68
C THR A 239 -2.88 -13.59 23.03
N THR A 240 -2.33 -12.38 23.00
CA THR A 240 -0.99 -12.09 22.43
C THR A 240 0.03 -13.03 23.09
N GLY A 241 0.75 -13.81 22.28
CA GLY A 241 1.85 -14.69 22.73
C GLY A 241 1.39 -16.03 23.31
N ALA A 242 0.09 -16.32 23.24
CA ALA A 242 -0.48 -17.59 23.76
C ALA A 242 0.25 -18.78 23.13
N GLY A 243 0.45 -18.76 21.81
CA GLY A 243 1.17 -19.84 21.09
C GLY A 243 2.58 -20.04 21.60
N ASP A 244 3.34 -18.94 21.71
CA ASP A 244 4.75 -18.99 22.18
C ASP A 244 4.74 -19.58 23.58
N VAL A 245 3.88 -19.07 24.46
CA VAL A 245 3.77 -19.50 25.88
C VAL A 245 3.44 -21.00 25.92
N PHE A 246 2.49 -21.44 25.10
CA PHE A 246 2.03 -22.84 25.03
C PHE A 246 3.23 -23.74 24.71
N HIS A 247 4.00 -23.36 23.68
CA HIS A 247 5.15 -24.17 23.18
C HIS A 247 6.23 -24.26 24.26
N GLY A 248 6.55 -23.14 24.93
CA GLY A 248 7.48 -23.13 26.07
C GLY A 248 7.01 -24.12 27.14
N ALA A 249 5.76 -23.96 27.59
CA ALA A 249 5.14 -24.81 28.62
C ALA A 249 5.17 -26.28 28.17
N LEU A 250 4.78 -26.55 26.92
CA LEU A 250 4.72 -27.92 26.34
C LEU A 250 6.09 -28.58 26.45
N ALA A 251 7.15 -27.86 26.09
CA ALA A 251 8.55 -28.37 26.09
C ALA A 251 8.95 -28.76 27.51
N VAL A 252 8.68 -27.91 28.49
CA VAL A 252 8.94 -28.20 29.92
C VAL A 252 8.17 -29.46 30.30
N ALA A 253 6.86 -29.50 30.05
CA ALA A 253 5.96 -30.61 30.45
C ALA A 253 6.44 -31.90 29.79
N LEU A 254 6.76 -31.87 28.49
CA LEU A 254 7.18 -33.10 27.76
C LEU A 254 8.49 -33.61 28.37
N ALA A 255 9.42 -32.72 28.72
CA ALA A 255 10.74 -33.07 29.26
C ALA A 255 10.62 -33.63 30.69
N THR A 256 9.59 -33.21 31.43
CA THR A 256 9.38 -33.53 32.87
C THR A 256 8.66 -34.88 32.99
N SER A 257 7.49 -35.00 32.36
CA SER A 257 6.56 -36.15 32.52
C SER A 257 6.69 -37.17 31.37
N GLY A 258 6.96 -36.72 30.15
CA GLY A 258 6.97 -37.57 28.94
C GLY A 258 5.57 -38.02 28.54
N ASP A 259 4.53 -37.56 29.26
CA ASP A 259 3.10 -37.91 29.03
C ASP A 259 2.47 -36.82 28.15
N LEU A 260 2.06 -37.18 26.94
CA LEU A 260 1.50 -36.23 25.95
C LEU A 260 0.25 -35.56 26.51
N ALA A 261 -0.74 -36.33 26.96
CA ALA A 261 -2.05 -35.79 27.43
C ALA A 261 -1.81 -34.85 28.62
N GLU A 262 -0.95 -35.21 29.58
CA GLU A 262 -0.66 -34.36 30.77
C GLU A 262 0.06 -33.10 30.29
N SER A 263 1.01 -33.26 29.36
CA SER A 263 1.84 -32.15 28.80
C SER A 263 0.96 -31.14 28.04
N VAL A 264 0.03 -31.62 27.22
CA VAL A 264 -0.87 -30.75 26.41
C VAL A 264 -1.86 -30.04 27.33
N ARG A 265 -2.30 -30.71 28.39
CA ARG A 265 -3.21 -30.12 29.40
C ARG A 265 -2.44 -29.01 30.10
N PHE A 266 -1.21 -29.29 30.51
CA PHE A 266 -0.33 -28.34 31.27
C PHE A 266 -0.14 -27.06 30.45
N ALA A 267 0.20 -27.19 29.17
CA ALA A 267 0.51 -26.08 28.25
C ALA A 267 -0.76 -25.26 27.98
N SER A 268 -1.88 -25.96 27.72
CA SER A 268 -3.23 -25.36 27.59
C SER A 268 -3.55 -24.50 28.82
N GLY A 269 -3.17 -24.97 30.01
CA GLY A 269 -3.39 -24.29 31.30
C GLY A 269 -2.52 -23.06 31.43
N VAL A 270 -1.23 -23.15 31.16
CA VAL A 270 -0.27 -22.02 31.23
C VAL A 270 -0.76 -20.92 30.27
N ALA A 271 -1.07 -21.28 29.02
CA ALA A 271 -1.47 -20.34 27.96
C ALA A 271 -2.80 -19.66 28.35
N ALA A 272 -3.78 -20.42 28.83
CA ALA A 272 -5.09 -19.91 29.33
C ALA A 272 -4.85 -18.81 30.38
N LEU A 273 -4.13 -19.10 31.46
CA LEU A 273 -3.82 -18.10 32.52
C LEU A 273 -3.15 -16.87 31.89
N LYS A 274 -2.27 -17.01 30.91
CA LYS A 274 -1.60 -15.86 30.25
C LYS A 274 -2.65 -14.97 29.56
N CYS A 275 -3.73 -15.56 29.07
CA CYS A 275 -4.76 -14.83 28.28
C CYS A 275 -5.62 -13.95 29.20
N THR A 276 -5.57 -14.17 30.51
CA THR A 276 -6.45 -13.52 31.52
C THR A 276 -5.74 -12.28 32.07
N ARG A 277 -4.57 -11.93 31.53
CA ARG A 277 -3.80 -10.76 31.97
C ARG A 277 -3.36 -9.98 30.74
N PRO A 278 -3.18 -8.64 30.88
CA PRO A 278 -2.71 -7.81 29.77
C PRO A 278 -1.26 -8.14 29.41
N GLY A 279 -0.90 -8.11 28.12
CA GLY A 279 0.49 -8.35 27.67
C GLY A 279 0.76 -9.81 27.31
N GLY A 280 1.87 -10.04 26.60
CA GLY A 280 2.26 -11.34 26.03
C GLY A 280 3.35 -12.03 26.83
N ARG A 281 3.90 -11.34 27.83
CA ARG A 281 4.95 -11.86 28.77
C ARG A 281 4.52 -11.59 30.22
N ALA A 282 3.83 -10.49 30.46
CA ALA A 282 3.40 -9.99 31.79
C ALA A 282 2.44 -11.00 32.45
N GLY A 283 1.61 -11.69 31.66
CA GLY A 283 0.56 -12.61 32.14
C GLY A 283 1.02 -14.04 32.31
N ILE A 284 2.29 -14.34 32.00
CA ILE A 284 2.78 -15.75 32.02
C ILE A 284 2.79 -16.19 33.48
N PRO A 285 2.01 -17.22 33.86
CA PRO A 285 1.99 -17.72 35.24
C PRO A 285 3.24 -18.54 35.58
N ASP A 286 3.61 -18.60 36.87
CA ASP A 286 4.70 -19.48 37.37
C ASP A 286 4.11 -20.88 37.65
N CYS A 287 4.96 -21.81 38.08
CA CYS A 287 4.59 -23.23 38.33
C CYS A 287 3.55 -23.31 39.46
N ASP A 288 3.69 -22.50 40.50
CA ASP A 288 2.77 -22.51 41.68
C ASP A 288 1.38 -22.05 41.23
N GLN A 289 1.28 -20.90 40.56
CA GLN A 289 0.02 -20.38 39.99
C GLN A 289 -0.61 -21.41 39.04
N THR A 290 0.20 -22.12 38.27
CA THR A 290 -0.25 -23.10 37.24
C THR A 290 -0.75 -24.36 37.93
N ARG A 291 -0.07 -24.82 38.99
CA ARG A 291 -0.49 -26.00 39.80
C ARG A 291 -1.82 -25.65 40.49
N SER A 292 -1.91 -24.46 41.11
CA SER A 292 -3.13 -23.89 41.75
C SER A 292 -4.30 -23.92 40.76
N PHE A 293 -4.09 -23.43 39.55
CA PHE A 293 -5.16 -23.29 38.51
C PHE A 293 -5.59 -24.70 38.09
N LEU A 294 -4.64 -25.62 37.91
CA LEU A 294 -4.94 -26.98 37.39
C LEU A 294 -5.59 -27.84 38.50
N SER A 295 -5.39 -27.49 39.76
CA SER A 295 -6.03 -28.16 40.92
C SER A 295 -7.55 -27.95 40.92
N LEU A 296 -8.06 -26.75 40.61
CA LEU A 296 -9.49 -26.35 40.75
C LEU A 296 -10.46 -27.31 40.03
N MET B 1 -23.49 -13.21 -26.31
CA MET B 1 -23.08 -14.13 -25.24
C MET B 1 -21.60 -13.85 -24.92
N ILE B 2 -21.26 -13.64 -23.65
CA ILE B 2 -19.88 -13.84 -23.11
C ILE B 2 -19.41 -15.29 -23.36
N ARG B 3 -18.15 -15.46 -23.71
CA ARG B 3 -17.53 -16.76 -24.06
C ARG B 3 -16.48 -17.10 -23.00
N VAL B 4 -16.74 -18.14 -22.19
CA VAL B 4 -15.92 -18.55 -21.01
C VAL B 4 -15.32 -19.94 -21.25
N ALA B 5 -14.03 -20.12 -20.95
CA ALA B 5 -13.39 -21.43 -20.79
C ALA B 5 -13.04 -21.64 -19.30
N CYS B 6 -13.39 -22.80 -18.75
CA CYS B 6 -13.10 -23.20 -17.36
C CYS B 6 -12.16 -24.40 -17.40
N VAL B 7 -10.91 -24.20 -16.99
CA VAL B 7 -9.83 -25.22 -17.03
C VAL B 7 -9.63 -25.75 -15.62
N GLY B 8 -9.75 -27.07 -15.45
CA GLY B 8 -9.44 -27.70 -14.17
C GLY B 8 -10.02 -29.09 -14.07
N ILE B 9 -10.53 -29.46 -12.90
CA ILE B 9 -10.89 -30.86 -12.62
C ILE B 9 -12.41 -30.99 -12.62
N THR B 10 -12.91 -32.19 -12.92
CA THR B 10 -14.34 -32.59 -12.79
C THR B 10 -14.37 -33.88 -11.97
N VAL B 11 -15.21 -33.92 -10.94
CA VAL B 11 -15.23 -35.03 -9.94
C VAL B 11 -16.68 -35.45 -9.71
N MET B 12 -16.98 -36.73 -9.81
CA MET B 12 -18.33 -37.25 -9.53
C MET B 12 -18.44 -37.38 -8.01
N ASP B 13 -19.39 -36.67 -7.42
CA ASP B 13 -19.81 -36.88 -6.01
C ASP B 13 -20.98 -37.88 -6.03
N ARG B 14 -20.84 -39.03 -5.37
CA ARG B 14 -21.98 -39.97 -5.18
C ARG B 14 -22.37 -39.87 -3.71
N ILE B 15 -23.59 -39.36 -3.47
CA ILE B 15 -24.06 -38.89 -2.14
C ILE B 15 -25.08 -39.89 -1.61
N TYR B 16 -24.72 -40.56 -0.51
CA TYR B 16 -25.57 -41.54 0.21
C TYR B 16 -26.10 -40.85 1.47
N TYR B 17 -27.41 -40.71 1.61
CA TYR B 17 -28.10 -40.13 2.78
C TYR B 17 -28.44 -41.27 3.75
N VAL B 18 -27.89 -41.21 4.97
CA VAL B 18 -27.90 -42.32 5.96
C VAL B 18 -28.58 -41.82 7.23
N GLU B 19 -28.87 -42.72 8.18
CA GLU B 19 -29.53 -42.41 9.47
C GLU B 19 -28.47 -41.77 10.38
N GLY B 20 -27.37 -42.49 10.60
CA GLY B 20 -26.18 -42.05 11.34
C GLY B 20 -24.93 -42.29 10.50
N LEU B 21 -23.85 -41.53 10.74
CA LEU B 21 -22.59 -41.67 9.99
C LEU B 21 -21.97 -43.04 10.27
N PRO B 22 -21.49 -43.75 9.23
CA PRO B 22 -20.84 -45.05 9.40
C PRO B 22 -19.56 -44.99 10.25
N THR B 23 -19.67 -44.88 11.57
CA THR B 23 -18.55 -44.60 12.51
C THR B 23 -17.81 -45.91 12.87
N GLU B 24 -18.55 -47.00 13.10
CA GLU B 24 -18.00 -48.36 13.34
C GLU B 24 -18.07 -49.18 12.03
N SER B 25 -17.35 -50.29 11.94
CA SER B 25 -17.36 -51.17 10.73
C SER B 25 -18.77 -51.79 10.58
N GLY B 26 -19.13 -52.29 9.40
CA GLY B 26 -20.39 -53.05 9.15
C GLY B 26 -21.16 -52.60 7.93
N LYS B 27 -22.34 -53.19 7.69
CA LYS B 27 -23.22 -52.93 6.52
C LYS B 27 -24.29 -51.91 6.90
N TYR B 28 -24.45 -50.83 6.13
CA TYR B 28 -25.45 -49.76 6.34
C TYR B 28 -26.33 -49.62 5.10
N VAL B 29 -27.53 -49.08 5.26
CA VAL B 29 -28.52 -48.85 4.16
C VAL B 29 -28.77 -47.35 4.06
N ALA B 30 -28.72 -46.82 2.85
CA ALA B 30 -28.95 -45.39 2.54
C ALA B 30 -30.45 -45.16 2.33
N ARG B 31 -31.05 -44.29 3.15
CA ARG B 31 -32.45 -43.79 3.00
C ARG B 31 -32.63 -43.18 1.60
N ASN B 32 -31.62 -42.52 1.05
CA ASN B 32 -31.69 -41.82 -0.26
C ASN B 32 -30.29 -41.74 -0.90
N TYR B 33 -30.25 -41.39 -2.18
CA TYR B 33 -29.04 -41.31 -3.02
C TYR B 33 -29.22 -40.25 -4.09
N THR B 34 -28.19 -39.42 -4.30
CA THR B 34 -28.08 -38.57 -5.52
C THR B 34 -26.63 -38.61 -6.02
N GLU B 35 -26.45 -38.31 -7.30
CA GLU B 35 -25.15 -38.17 -7.98
C GLU B 35 -25.06 -36.73 -8.46
N VAL B 36 -23.97 -36.04 -8.19
CA VAL B 36 -23.81 -34.61 -8.59
C VAL B 36 -22.33 -34.39 -8.90
N GLY B 37 -22.09 -33.63 -9.94
CA GLY B 37 -20.71 -33.28 -10.35
C GLY B 37 -20.17 -32.22 -9.39
N GLY B 38 -18.89 -32.35 -9.07
CA GLY B 38 -18.09 -31.29 -8.45
C GLY B 38 -16.86 -31.02 -9.27
N GLY B 39 -15.88 -30.37 -8.65
CA GLY B 39 -14.68 -29.84 -9.31
C GLY B 39 -14.81 -28.33 -9.35
N PRO B 40 -13.83 -27.59 -8.79
CA PRO B 40 -13.87 -26.13 -8.85
C PRO B 40 -14.20 -25.63 -10.28
N ALA B 41 -13.35 -25.93 -11.26
CA ALA B 41 -13.50 -25.40 -12.64
C ALA B 41 -14.87 -25.83 -13.20
N ALA B 42 -15.24 -27.08 -12.97
CA ALA B 42 -16.50 -27.69 -13.44
C ALA B 42 -17.71 -26.90 -12.88
N THR B 43 -17.77 -26.70 -11.57
CA THR B 43 -18.89 -26.01 -10.90
C THR B 43 -18.93 -24.55 -11.34
N ALA B 44 -17.79 -23.89 -11.47
CA ALA B 44 -17.71 -22.50 -11.99
C ALA B 44 -18.32 -22.48 -13.40
N ALA B 45 -17.95 -23.44 -14.26
CA ALA B 45 -18.49 -23.59 -15.64
C ALA B 45 -20.02 -23.66 -15.58
N VAL B 46 -20.55 -24.53 -14.71
CA VAL B 46 -22.02 -24.67 -14.47
C VAL B 46 -22.59 -23.30 -14.07
N ALA B 47 -21.91 -22.53 -13.22
CA ALA B 47 -22.42 -21.22 -12.76
C ALA B 47 -22.49 -20.25 -13.96
N ALA B 48 -21.39 -20.13 -14.72
CA ALA B 48 -21.26 -19.20 -15.87
C ALA B 48 -22.33 -19.50 -16.92
N ALA B 49 -22.61 -20.77 -17.15
CA ALA B 49 -23.65 -21.25 -18.09
C ALA B 49 -25.02 -20.76 -17.61
N ARG B 50 -25.33 -21.02 -16.35
CA ARG B 50 -26.58 -20.56 -15.69
C ARG B 50 -26.75 -19.05 -15.91
N LEU B 51 -25.65 -18.28 -15.89
CA LEU B 51 -25.66 -16.80 -15.99
C LEU B 51 -25.69 -16.35 -17.46
N GLY B 52 -25.79 -17.30 -18.41
CA GLY B 52 -26.08 -17.04 -19.82
C GLY B 52 -24.84 -16.97 -20.69
N ALA B 53 -23.68 -17.33 -20.14
CA ALA B 53 -22.42 -17.45 -20.89
C ALA B 53 -22.44 -18.73 -21.73
N GLN B 54 -21.73 -18.72 -22.86
CA GLN B 54 -21.31 -19.92 -23.61
C GLN B 54 -20.06 -20.41 -22.89
N VAL B 55 -20.10 -21.61 -22.30
CA VAL B 55 -19.01 -22.14 -21.43
C VAL B 55 -18.42 -23.40 -22.03
N ASP B 56 -17.10 -23.47 -22.07
CA ASP B 56 -16.34 -24.72 -22.33
C ASP B 56 -15.69 -25.15 -21.02
N PHE B 57 -15.92 -26.40 -20.60
CA PHE B 57 -15.08 -27.07 -19.57
C PHE B 57 -13.97 -27.80 -20.31
N ILE B 58 -12.73 -27.52 -19.91
CA ILE B 58 -11.50 -28.14 -20.48
C ILE B 58 -10.76 -28.81 -19.32
N GLY B 59 -10.92 -30.13 -19.18
CA GLY B 59 -10.22 -30.94 -18.18
C GLY B 59 -9.99 -32.35 -18.72
N ARG B 60 -9.80 -33.30 -17.82
CA ARG B 60 -9.51 -34.71 -18.16
C ARG B 60 -10.49 -35.60 -17.42
N VAL B 61 -11.05 -36.59 -18.11
CA VAL B 61 -11.87 -37.69 -17.55
C VAL B 61 -11.31 -39.00 -18.11
N GLY B 62 -11.77 -40.13 -17.57
CA GLY B 62 -11.48 -41.48 -18.07
C GLY B 62 -12.56 -41.91 -19.04
N ASP B 63 -12.49 -43.16 -19.50
CA ASP B 63 -13.48 -43.79 -20.42
C ASP B 63 -14.37 -44.73 -19.61
N ASP B 64 -14.59 -44.44 -18.34
CA ASP B 64 -15.42 -45.25 -17.41
C ASP B 64 -16.83 -44.64 -17.37
N ASP B 65 -17.74 -45.35 -16.71
CA ASP B 65 -19.13 -44.91 -16.47
C ASP B 65 -19.09 -43.51 -15.84
N THR B 66 -18.14 -43.28 -14.93
CA THR B 66 -18.04 -42.00 -14.19
C THR B 66 -17.76 -40.87 -15.17
N GLY B 67 -16.73 -41.03 -16.01
CA GLY B 67 -16.35 -40.04 -17.03
C GLY B 67 -17.56 -39.65 -17.86
N ASN B 68 -18.31 -40.66 -18.33
CA ASN B 68 -19.46 -40.47 -19.25
C ASN B 68 -20.54 -39.69 -18.50
N SER B 69 -20.79 -40.05 -17.24
CA SER B 69 -21.76 -39.36 -16.36
C SER B 69 -21.34 -37.90 -16.17
N LEU B 70 -20.06 -37.64 -15.86
CA LEU B 70 -19.57 -36.26 -15.58
C LEU B 70 -19.83 -35.36 -16.79
N LEU B 71 -19.38 -35.79 -17.97
CA LEU B 71 -19.60 -35.07 -19.25
C LEU B 71 -21.11 -34.88 -19.48
N ALA B 72 -21.89 -35.94 -19.32
CA ALA B 72 -23.36 -35.90 -19.50
C ALA B 72 -23.94 -34.79 -18.61
N GLU B 73 -23.63 -34.81 -17.31
CA GLU B 73 -24.16 -33.83 -16.34
C GLU B 73 -23.83 -32.42 -16.83
N LEU B 74 -22.58 -32.19 -17.21
CA LEU B 74 -22.10 -30.85 -17.62
C LEU B 74 -22.86 -30.43 -18.89
N GLU B 75 -23.02 -31.30 -19.88
CA GLU B 75 -23.80 -31.02 -21.11
C GLU B 75 -25.21 -30.59 -20.70
N SER B 76 -25.86 -31.31 -19.78
CA SER B 76 -27.25 -31.04 -19.31
C SER B 76 -27.34 -29.66 -18.65
N TRP B 77 -26.25 -29.15 -18.08
CA TRP B 77 -26.19 -27.82 -17.40
C TRP B 77 -25.92 -26.70 -18.42
N GLY B 78 -25.62 -27.04 -19.66
CA GLY B 78 -25.38 -26.06 -20.74
C GLY B 78 -23.89 -25.81 -20.94
N VAL B 79 -23.03 -26.72 -20.46
CA VAL B 79 -21.56 -26.55 -20.51
C VAL B 79 -21.01 -27.48 -21.60
N ASN B 80 -20.29 -26.94 -22.57
CA ASN B 80 -19.65 -27.74 -23.66
C ASN B 80 -18.45 -28.49 -23.09
N THR B 81 -18.28 -29.76 -23.47
CA THR B 81 -17.23 -30.68 -22.98
C THR B 81 -16.37 -31.15 -24.16
N ARG B 82 -16.48 -30.47 -25.30
CA ARG B 82 -15.87 -30.91 -26.59
C ARG B 82 -14.35 -30.93 -26.46
N TYR B 83 -13.76 -30.02 -25.67
CA TYR B 83 -12.28 -29.89 -25.52
C TYR B 83 -11.77 -30.66 -24.30
N THR B 84 -12.63 -31.39 -23.60
CA THR B 84 -12.24 -32.25 -22.44
C THR B 84 -11.63 -33.55 -23.00
N LYS B 85 -10.44 -33.92 -22.56
CA LYS B 85 -9.72 -35.13 -23.04
C LYS B 85 -10.21 -36.34 -22.23
N ARG B 86 -10.67 -37.40 -22.91
CA ARG B 86 -10.99 -38.74 -22.30
C ARG B 86 -9.80 -39.69 -22.50
N TYR B 87 -9.15 -40.12 -21.44
CA TYR B 87 -8.00 -41.06 -21.47
C TYR B 87 -8.54 -42.50 -21.56
N ASN B 88 -7.98 -43.29 -22.49
CA ASN B 88 -8.36 -44.71 -22.73
C ASN B 88 -7.99 -45.56 -21.51
N GLN B 89 -8.83 -46.54 -21.16
CA GLN B 89 -8.66 -47.48 -20.01
C GLN B 89 -8.21 -46.69 -18.77
N ALA B 90 -9.02 -45.72 -18.32
CA ALA B 90 -8.68 -44.80 -17.21
C ALA B 90 -9.92 -44.55 -16.33
N LYS B 91 -9.72 -44.53 -15.02
CA LYS B 91 -10.73 -44.17 -14.00
C LYS B 91 -10.75 -42.63 -13.88
N SER B 92 -11.95 -42.03 -13.81
CA SER B 92 -12.16 -40.59 -13.51
C SER B 92 -12.07 -40.39 -11.99
N SER B 93 -11.96 -39.16 -11.52
CA SER B 93 -11.96 -38.86 -10.07
C SER B 93 -13.40 -38.90 -9.56
N GLN B 94 -13.58 -39.46 -8.36
CA GLN B 94 -14.93 -39.63 -7.76
C GLN B 94 -14.80 -39.59 -6.24
N SER B 95 -15.83 -39.13 -5.56
CA SER B 95 -15.99 -39.18 -4.09
C SER B 95 -17.26 -39.97 -3.74
N ALA B 96 -17.18 -40.80 -2.72
CA ALA B 96 -18.38 -41.32 -2.02
C ALA B 96 -18.60 -40.44 -0.80
N ILE B 97 -19.78 -39.85 -0.66
CA ILE B 97 -20.11 -38.92 0.45
C ILE B 97 -21.32 -39.49 1.20
N MET B 98 -21.14 -39.74 2.50
CA MET B 98 -22.23 -40.09 3.45
C MET B 98 -22.71 -38.81 4.14
N VAL B 99 -24.02 -38.61 4.17
CA VAL B 99 -24.68 -37.48 4.90
C VAL B 99 -25.65 -38.06 5.91
N ASP B 100 -25.47 -37.77 7.20
CA ASP B 100 -26.45 -38.22 8.23
C ASP B 100 -27.58 -37.18 8.28
N THR B 101 -28.57 -37.44 9.13
CA THR B 101 -29.86 -36.69 9.24
C THR B 101 -29.62 -35.28 9.79
N LYS B 102 -28.58 -35.09 10.63
CA LYS B 102 -28.15 -33.75 11.12
C LYS B 102 -27.50 -32.96 9.97
N GLY B 103 -26.78 -33.63 9.08
CA GLY B 103 -26.08 -33.00 7.92
C GLY B 103 -24.58 -33.20 7.98
N GLU B 104 -24.07 -33.89 9.01
CA GLU B 104 -22.63 -34.28 9.14
C GLU B 104 -22.24 -35.11 7.91
N ARG B 105 -21.07 -34.84 7.32
CA ARG B 105 -20.61 -35.45 6.04
C ARG B 105 -19.37 -36.30 6.33
N ILE B 106 -19.26 -37.48 5.73
CA ILE B 106 -17.99 -38.24 5.56
C ILE B 106 -17.68 -38.28 4.05
N ILE B 107 -16.51 -37.83 3.65
CA ILE B 107 -16.11 -37.72 2.21
C ILE B 107 -14.91 -38.62 2.01
N ILE B 108 -15.04 -39.60 1.13
CA ILE B 108 -13.94 -40.50 0.68
C ILE B 108 -13.62 -40.07 -0.74
N ASN B 109 -12.54 -39.34 -0.96
CA ASN B 109 -12.17 -38.83 -2.31
C ASN B 109 -11.14 -39.77 -2.93
N TYR B 110 -11.38 -40.21 -4.16
CA TYR B 110 -10.37 -40.88 -5.02
C TYR B 110 -9.92 -39.95 -6.14
N PRO B 111 -8.75 -39.28 -6.03
CA PRO B 111 -8.19 -38.53 -7.15
C PRO B 111 -7.50 -39.54 -8.08
N SER B 112 -7.98 -39.68 -9.30
CA SER B 112 -7.48 -40.70 -10.27
C SER B 112 -6.04 -40.41 -10.65
N PRO B 113 -5.09 -41.36 -10.46
CA PRO B 113 -3.74 -41.19 -11.01
C PRO B 113 -3.69 -41.37 -12.53
N ASP B 114 -4.72 -41.99 -13.12
CA ASP B 114 -4.77 -42.38 -14.56
C ASP B 114 -4.87 -41.13 -15.44
N LEU B 115 -5.34 -40.01 -14.89
CA LEU B 115 -5.45 -38.73 -15.65
C LEU B 115 -4.10 -38.06 -15.61
N LEU B 116 -3.42 -38.02 -16.75
CA LEU B 116 -1.99 -37.61 -16.82
C LEU B 116 -1.91 -36.10 -16.66
N PRO B 117 -0.95 -35.62 -15.85
CA PRO B 117 -0.82 -34.19 -15.59
C PRO B 117 -0.39 -33.37 -16.82
N ASP B 118 0.25 -34.01 -17.82
CA ASP B 118 0.66 -33.32 -19.06
C ASP B 118 -0.52 -32.53 -19.63
N ALA B 119 -0.25 -31.27 -19.97
CA ALA B 119 -1.22 -30.30 -20.52
C ALA B 119 -0.76 -29.79 -21.88
N GLU B 120 0.29 -30.40 -22.45
CA GLU B 120 0.89 -29.96 -23.75
C GLU B 120 -0.23 -29.95 -24.81
N TRP B 121 -1.18 -30.89 -24.71
CA TRP B 121 -2.30 -31.05 -25.68
C TRP B 121 -3.18 -29.79 -25.78
N LEU B 122 -3.14 -28.87 -24.82
CA LEU B 122 -3.95 -27.61 -24.87
C LEU B 122 -3.38 -26.68 -25.94
N GLU B 123 -2.11 -26.88 -26.33
CA GLU B 123 -1.41 -26.08 -27.38
C GLU B 123 -2.15 -26.29 -28.71
N GLU B 124 -2.85 -27.42 -28.87
CA GLU B 124 -3.67 -27.75 -30.08
C GLU B 124 -4.97 -26.94 -30.12
N ILE B 125 -5.30 -26.14 -29.09
CA ILE B 125 -6.59 -25.38 -29.01
C ILE B 125 -6.28 -23.90 -29.21
N ASP B 126 -7.19 -23.18 -29.88
CA ASP B 126 -7.13 -21.72 -30.12
C ASP B 126 -7.92 -20.98 -29.03
N PHE B 127 -7.20 -20.38 -28.06
CA PHE B 127 -7.77 -19.72 -26.86
C PHE B 127 -8.37 -18.35 -27.21
N SER B 128 -8.20 -17.88 -28.43
CA SER B 128 -8.73 -16.58 -28.89
C SER B 128 -10.26 -16.65 -29.00
N GLN B 129 -10.85 -17.85 -28.96
CA GLN B 129 -12.31 -18.04 -29.17
C GLN B 129 -13.09 -17.80 -27.86
N TRP B 130 -12.44 -17.31 -26.80
CA TRP B 130 -13.08 -17.01 -25.49
C TRP B 130 -12.70 -15.60 -25.04
N ASP B 131 -13.59 -14.97 -24.26
CA ASP B 131 -13.38 -13.61 -23.71
C ASP B 131 -12.63 -13.71 -22.37
N VAL B 132 -12.81 -14.80 -21.62
CA VAL B 132 -12.16 -15.01 -20.30
C VAL B 132 -11.80 -16.49 -20.17
N VAL B 133 -10.71 -16.80 -19.46
CA VAL B 133 -10.32 -18.19 -19.11
C VAL B 133 -10.19 -18.25 -17.59
N LEU B 134 -10.97 -19.12 -16.95
CA LEU B 134 -10.91 -19.41 -15.50
C LEU B 134 -10.21 -20.75 -15.33
N ALA B 135 -9.29 -20.85 -14.37
CA ALA B 135 -8.56 -22.08 -14.03
C ALA B 135 -8.58 -22.31 -12.52
N ASP B 136 -8.86 -23.53 -12.10
CA ASP B 136 -8.61 -23.98 -10.69
C ASP B 136 -7.16 -24.43 -10.61
N VAL B 137 -6.65 -24.67 -9.39
CA VAL B 137 -5.22 -24.98 -9.13
C VAL B 137 -5.05 -26.50 -8.98
N ARG B 138 -6.12 -27.29 -9.17
CA ARG B 138 -6.12 -28.76 -8.95
C ARG B 138 -5.48 -29.49 -10.13
N TRP B 139 -5.44 -28.88 -11.32
CA TRP B 139 -4.66 -29.34 -12.49
C TRP B 139 -3.65 -28.25 -12.88
N HIS B 140 -2.50 -28.25 -12.24
CA HIS B 140 -1.45 -27.19 -12.31
C HIS B 140 -1.04 -26.95 -13.77
N ASP B 141 -0.59 -27.99 -14.48
CA ASP B 141 -0.01 -27.80 -15.83
C ASP B 141 -1.10 -27.23 -16.74
N GLY B 142 -2.34 -27.72 -16.58
CA GLY B 142 -3.53 -27.19 -17.27
C GLY B 142 -3.65 -25.68 -17.10
N ALA B 143 -3.74 -25.20 -15.87
CA ALA B 143 -3.87 -23.78 -15.54
C ALA B 143 -2.73 -23.01 -16.19
N LYS B 144 -1.49 -23.50 -16.07
CA LYS B 144 -0.27 -22.82 -16.59
C LYS B 144 -0.40 -22.67 -18.11
N LYS B 145 -0.60 -23.79 -18.84
CA LYS B 145 -0.64 -23.78 -20.32
C LYS B 145 -1.84 -22.93 -20.74
N ALA B 146 -3.01 -23.16 -20.12
CA ALA B 146 -4.27 -22.44 -20.45
C ALA B 146 -4.06 -20.93 -20.30
N PHE B 147 -3.41 -20.49 -19.23
CA PHE B 147 -3.18 -19.06 -18.91
C PHE B 147 -2.11 -18.47 -19.84
N THR B 148 -1.05 -19.21 -20.12
CA THR B 148 0.02 -18.77 -21.04
C THR B 148 -0.61 -18.44 -22.40
N LEU B 149 -1.41 -19.36 -22.94
CA LEU B 149 -2.03 -19.23 -24.30
C LEU B 149 -3.04 -18.08 -24.28
N ALA B 150 -3.81 -17.95 -23.19
CA ALA B 150 -4.80 -16.88 -23.00
C ALA B 150 -4.10 -15.52 -23.00
N ARG B 151 -3.02 -15.38 -22.23
CA ARG B 151 -2.21 -14.14 -22.17
C ARG B 151 -1.78 -13.76 -23.58
N GLN B 152 -1.19 -14.71 -24.33
CA GLN B 152 -0.65 -14.53 -25.70
C GLN B 152 -1.74 -14.06 -26.68
N ALA B 153 -3.01 -14.37 -26.41
CA ALA B 153 -4.14 -14.02 -27.29
C ALA B 153 -4.91 -12.80 -26.73
N GLY B 154 -4.38 -12.18 -25.67
CA GLY B 154 -4.98 -11.02 -25.00
C GLY B 154 -6.34 -11.34 -24.39
N VAL B 155 -6.50 -12.58 -23.89
CA VAL B 155 -7.75 -13.05 -23.21
C VAL B 155 -7.56 -12.93 -21.69
N MET B 156 -8.59 -12.44 -21.00
CA MET B 156 -8.57 -12.26 -19.53
C MET B 156 -8.36 -13.60 -18.83
N THR B 157 -7.54 -13.65 -17.79
CA THR B 157 -7.33 -14.88 -16.97
C THR B 157 -7.83 -14.63 -15.55
N VAL B 158 -8.53 -15.62 -14.98
CA VAL B 158 -9.10 -15.56 -13.61
C VAL B 158 -8.75 -16.86 -12.88
N LEU B 159 -7.98 -16.75 -11.80
CA LEU B 159 -7.56 -17.94 -11.01
C LEU B 159 -8.49 -18.10 -9.81
N ASP B 160 -8.96 -19.32 -9.57
CA ASP B 160 -9.49 -19.75 -8.25
C ASP B 160 -8.29 -20.30 -7.48
N GLY B 161 -7.63 -19.42 -6.74
CA GLY B 161 -6.40 -19.74 -5.98
C GLY B 161 -6.73 -20.35 -4.63
N ASP B 162 -7.18 -21.60 -4.65
CA ASP B 162 -7.50 -22.38 -3.42
C ASP B 162 -6.19 -22.87 -2.83
N ILE B 163 -6.25 -23.52 -1.67
CA ILE B 163 -5.08 -24.19 -1.02
C ILE B 163 -4.70 -25.41 -1.85
N THR B 164 -3.41 -25.68 -1.98
CA THR B 164 -2.90 -26.89 -2.65
C THR B 164 -1.46 -27.12 -2.20
N PRO B 165 -1.03 -28.40 -2.06
CA PRO B 165 0.36 -28.72 -1.78
C PRO B 165 1.33 -27.97 -2.71
N GLN B 166 1.03 -27.90 -4.01
CA GLN B 166 1.94 -27.31 -5.04
C GLN B 166 1.95 -25.78 -4.89
N ASP B 167 2.96 -25.12 -5.45
CA ASP B 167 3.14 -23.64 -5.39
C ASP B 167 2.48 -23.00 -6.62
N ILE B 168 1.54 -22.08 -6.39
CA ILE B 168 0.68 -21.49 -7.46
C ILE B 168 1.26 -20.13 -7.87
N SER B 169 2.43 -19.73 -7.39
CA SER B 169 3.00 -18.39 -7.65
C SER B 169 3.18 -18.15 -9.16
N GLU B 170 3.54 -19.16 -9.96
CA GLU B 170 3.67 -18.99 -11.44
C GLU B 170 2.27 -18.85 -12.06
N LEU B 171 1.23 -19.46 -11.49
CA LEU B 171 -0.18 -19.27 -11.94
C LEU B 171 -0.63 -17.84 -11.67
N VAL B 172 -0.44 -17.37 -10.44
CA VAL B 172 -0.74 -15.96 -10.01
C VAL B 172 -0.03 -14.99 -10.97
N ALA B 173 1.25 -15.22 -11.29
CA ALA B 173 2.07 -14.41 -12.23
C ALA B 173 1.26 -14.17 -13.52
N LEU B 174 0.58 -15.21 -14.02
CA LEU B 174 -0.15 -15.22 -15.30
C LEU B 174 -1.62 -14.83 -15.12
N SER B 175 -2.04 -14.40 -13.93
CA SER B 175 -3.46 -14.10 -13.61
C SER B 175 -3.73 -12.61 -13.70
N ASP B 176 -4.60 -12.18 -14.63
CA ASP B 176 -5.13 -10.80 -14.64
C ASP B 176 -5.96 -10.57 -13.38
N HIS B 177 -6.55 -11.64 -12.83
CA HIS B 177 -7.40 -11.63 -11.60
C HIS B 177 -7.17 -12.92 -10.80
N ALA B 178 -6.63 -12.80 -9.58
CA ALA B 178 -6.29 -13.94 -8.70
C ALA B 178 -7.15 -13.85 -7.45
N ALA B 179 -8.24 -14.61 -7.44
CA ALA B 179 -9.22 -14.65 -6.35
C ALA B 179 -8.89 -15.85 -5.46
N PHE B 180 -8.26 -15.57 -4.31
CA PHE B 180 -7.78 -16.63 -3.38
C PHE B 180 -8.88 -16.94 -2.37
N SER B 181 -8.82 -18.14 -1.80
CA SER B 181 -9.47 -18.49 -0.52
C SER B 181 -8.51 -18.08 0.60
N GLU B 182 -8.99 -17.97 1.85
CA GLU B 182 -8.14 -17.66 3.02
C GLU B 182 -7.03 -18.70 3.09
N PRO B 183 -7.34 -20.03 3.10
CA PRO B 183 -6.28 -21.05 3.11
C PRO B 183 -5.35 -20.92 1.91
N GLY B 184 -5.89 -20.56 0.74
CA GLY B 184 -5.14 -20.41 -0.51
C GLY B 184 -4.08 -19.33 -0.41
N LEU B 185 -4.46 -18.18 0.15
CA LEU B 185 -3.60 -16.98 0.26
C LEU B 185 -2.52 -17.23 1.31
N ALA B 186 -2.93 -17.85 2.42
CA ALA B 186 -2.02 -18.22 3.54
C ALA B 186 -0.97 -19.23 3.03
N ARG B 187 -1.39 -20.30 2.35
CA ARG B 187 -0.46 -21.33 1.83
C ARG B 187 0.52 -20.68 0.84
N LEU B 188 0.06 -19.73 0.04
CA LEU B 188 0.88 -19.15 -1.05
C LEU B 188 1.97 -18.27 -0.43
N THR B 189 1.59 -17.38 0.49
CA THR B 189 2.44 -16.30 1.03
C THR B 189 3.23 -16.78 2.25
N GLY B 190 2.62 -17.65 3.06
CA GLY B 190 3.16 -18.03 4.38
C GLY B 190 2.95 -16.92 5.39
N VAL B 191 1.90 -16.10 5.18
CA VAL B 191 1.47 -15.00 6.09
C VAL B 191 0.07 -15.31 6.60
N LYS B 192 -0.19 -15.15 7.90
CA LYS B 192 -1.50 -15.53 8.53
C LYS B 192 -2.45 -14.33 8.45
N GLU B 193 -1.95 -13.10 8.47
CA GLU B 193 -2.84 -11.89 8.42
C GLU B 193 -3.25 -11.64 6.97
N MET B 194 -4.55 -11.73 6.66
CA MET B 194 -5.11 -11.64 5.27
C MET B 194 -4.74 -10.29 4.61
N ALA B 195 -4.75 -9.19 5.38
CA ALA B 195 -4.43 -7.84 4.86
C ALA B 195 -3.00 -7.82 4.32
N SER B 196 -2.04 -8.28 5.13
CA SER B 196 -0.59 -8.29 4.77
C SER B 196 -0.32 -9.32 3.65
N ALA B 197 -0.96 -10.49 3.72
CA ALA B 197 -0.85 -11.60 2.73
C ALA B 197 -1.28 -11.09 1.35
N LEU B 198 -2.40 -10.37 1.25
CA LEU B 198 -2.93 -9.82 -0.03
C LEU B 198 -1.85 -8.90 -0.65
N LYS B 199 -1.28 -8.00 0.15
CA LYS B 199 -0.17 -7.10 -0.24
C LYS B 199 1.00 -7.94 -0.78
N GLN B 200 1.38 -9.03 -0.10
CA GLN B 200 2.52 -9.90 -0.52
C GLN B 200 2.17 -10.60 -1.84
N ALA B 201 0.92 -11.02 -2.02
CA ALA B 201 0.42 -11.69 -3.25
C ALA B 201 0.47 -10.74 -4.43
N GLN B 202 0.15 -9.45 -4.20
CA GLN B 202 0.11 -8.38 -5.24
C GLN B 202 1.47 -8.28 -5.92
N THR B 203 2.56 -8.50 -5.20
CA THR B 203 3.96 -8.39 -5.72
C THR B 203 4.17 -9.41 -6.85
N LEU B 204 3.39 -10.50 -6.88
CA LEU B 204 3.57 -11.62 -7.85
C LEU B 204 2.94 -11.31 -9.21
N THR B 205 2.04 -10.33 -9.33
CA THR B 205 1.22 -10.16 -10.56
C THR B 205 0.92 -8.69 -10.83
N ASN B 206 0.91 -8.30 -12.09
CA ASN B 206 0.48 -6.94 -12.54
C ASN B 206 -1.05 -6.89 -12.64
N GLY B 207 -1.73 -7.99 -12.34
CA GLY B 207 -3.20 -8.06 -12.26
C GLY B 207 -3.67 -7.80 -10.84
N HIS B 208 -4.98 -7.90 -10.61
CA HIS B 208 -5.61 -7.68 -9.28
C HIS B 208 -5.60 -8.97 -8.47
N VAL B 209 -5.62 -8.84 -7.15
CA VAL B 209 -5.72 -9.98 -6.19
C VAL B 209 -6.95 -9.76 -5.30
N TYR B 210 -7.63 -10.85 -4.96
CA TYR B 210 -8.84 -10.87 -4.10
C TYR B 210 -8.68 -11.99 -3.06
N VAL B 211 -9.39 -11.87 -1.94
CA VAL B 211 -9.51 -12.97 -0.94
C VAL B 211 -10.97 -13.03 -0.48
N THR B 212 -11.58 -14.22 -0.61
CA THR B 212 -12.94 -14.52 -0.14
C THR B 212 -12.81 -15.02 1.28
N GLN B 213 -13.76 -14.63 2.14
CA GLN B 213 -13.77 -14.91 3.60
C GLN B 213 -15.18 -15.33 4.01
N GLY B 214 -15.83 -16.19 3.21
CA GLY B 214 -17.18 -16.73 3.49
C GLY B 214 -18.17 -15.62 3.79
N SER B 215 -18.86 -15.71 4.94
CA SER B 215 -19.91 -14.74 5.38
C SER B 215 -19.27 -13.37 5.67
N ALA B 216 -17.94 -13.31 5.83
CA ALA B 216 -17.19 -12.04 6.06
C ALA B 216 -17.02 -11.28 4.73
N GLY B 217 -17.37 -11.90 3.60
CA GLY B 217 -17.40 -11.23 2.29
C GLY B 217 -16.09 -11.41 1.53
N CYS B 218 -15.68 -10.39 0.77
CA CYS B 218 -14.52 -10.43 -0.15
C CYS B 218 -13.75 -9.12 -0.09
N ASP B 219 -12.42 -9.20 -0.06
CA ASP B 219 -11.48 -8.05 -0.04
C ASP B 219 -10.55 -8.14 -1.24
N TRP B 220 -10.20 -6.99 -1.82
CA TRP B 220 -9.23 -6.90 -2.95
C TRP B 220 -8.43 -5.59 -2.86
N LEU B 221 -7.35 -5.50 -3.65
CA LEU B 221 -6.48 -4.29 -3.69
C LEU B 221 -6.76 -3.54 -4.98
N GLU B 222 -7.11 -2.25 -4.86
CA GLU B 222 -7.31 -1.29 -5.97
C GLU B 222 -6.59 0.03 -5.65
N ASN B 223 -5.63 0.41 -6.48
CA ASN B 223 -4.70 1.56 -6.28
C ASN B 223 -3.69 1.25 -5.15
N GLY B 224 -3.62 0.00 -4.66
CA GLY B 224 -2.80 -0.41 -3.50
C GLY B 224 -3.52 -0.27 -2.16
N GLY B 225 -4.80 0.20 -2.15
CA GLY B 225 -5.67 0.28 -0.96
C GLY B 225 -6.73 -0.82 -0.95
N ARG B 226 -6.96 -1.43 0.22
CA ARG B 226 -7.86 -2.60 0.44
C ARG B 226 -9.33 -2.16 0.32
N GLN B 227 -10.08 -2.71 -0.62
CA GLN B 227 -11.56 -2.54 -0.76
C GLN B 227 -12.27 -3.73 -0.11
N HIS B 228 -13.51 -3.56 0.33
CA HIS B 228 -14.30 -4.62 1.00
C HIS B 228 -15.73 -4.66 0.44
N GLN B 229 -16.16 -5.86 0.04
CA GLN B 229 -17.57 -6.20 -0.26
C GLN B 229 -18.06 -7.12 0.86
N PRO B 230 -19.05 -6.68 1.68
CA PRO B 230 -19.69 -7.57 2.64
C PRO B 230 -20.48 -8.67 1.92
N ALA B 231 -20.56 -9.87 2.50
CA ALA B 231 -21.47 -10.93 2.05
C ALA B 231 -22.90 -10.36 2.10
N PHE B 232 -23.80 -10.90 1.31
CA PHE B 232 -25.25 -10.66 1.41
C PHE B 232 -25.81 -11.63 2.46
N LYS B 233 -26.36 -11.09 3.56
CA LYS B 233 -26.96 -11.87 4.68
C LYS B 233 -28.11 -12.72 4.12
N VAL B 234 -28.04 -14.05 4.26
CA VAL B 234 -29.07 -14.97 3.68
C VAL B 234 -29.34 -16.09 4.67
N ASP B 235 -30.50 -16.74 4.48
CA ASP B 235 -30.87 -18.01 5.18
C ASP B 235 -30.01 -19.11 4.57
N VAL B 236 -28.86 -19.42 5.20
CA VAL B 236 -27.88 -20.40 4.66
C VAL B 236 -28.37 -21.81 4.95
N VAL B 237 -28.57 -22.62 3.91
CA VAL B 237 -28.91 -24.07 3.96
C VAL B 237 -27.63 -24.89 3.68
N ASP B 238 -26.89 -24.53 2.63
CA ASP B 238 -25.64 -25.23 2.21
C ASP B 238 -24.69 -24.24 1.51
N THR B 239 -23.46 -24.10 2.01
CA THR B 239 -22.39 -23.25 1.41
C THR B 239 -21.49 -24.09 0.49
N THR B 240 -21.78 -25.38 0.30
CA THR B 240 -21.02 -26.26 -0.61
C THR B 240 -21.02 -25.62 -2.00
N GLY B 241 -19.84 -25.39 -2.57
CA GLY B 241 -19.66 -24.87 -3.94
C GLY B 241 -19.79 -23.36 -4.03
N ALA B 242 -19.97 -22.66 -2.91
CA ALA B 242 -20.11 -21.18 -2.88
C ALA B 242 -18.89 -20.54 -3.56
N GLY B 243 -17.71 -20.98 -3.22
CA GLY B 243 -16.45 -20.48 -3.80
C GLY B 243 -16.40 -20.69 -5.31
N ASP B 244 -16.72 -21.91 -5.77
CA ASP B 244 -16.70 -22.26 -7.20
C ASP B 244 -17.69 -21.35 -7.91
N VAL B 245 -18.90 -21.23 -7.37
CA VAL B 245 -20.00 -20.42 -7.95
C VAL B 245 -19.56 -18.96 -8.01
N PHE B 246 -18.95 -18.45 -6.94
CA PHE B 246 -18.44 -17.05 -6.86
C PHE B 246 -17.46 -16.81 -8.01
N HIS B 247 -16.48 -17.71 -8.18
CA HIS B 247 -15.41 -17.59 -9.19
C HIS B 247 -16.01 -17.60 -10.61
N GLY B 248 -16.95 -18.51 -10.89
CA GLY B 248 -17.68 -18.55 -12.17
C GLY B 248 -18.35 -17.21 -12.42
N ALA B 249 -19.17 -16.76 -11.45
CA ALA B 249 -19.91 -15.49 -11.52
C ALA B 249 -18.92 -14.33 -11.74
N LEU B 250 -17.83 -14.31 -10.96
CA LEU B 250 -16.80 -13.23 -11.02
C LEU B 250 -16.24 -13.12 -12.44
N ALA B 251 -15.91 -14.25 -13.06
CA ALA B 251 -15.30 -14.32 -14.41
C ALA B 251 -16.28 -13.75 -15.44
N VAL B 252 -17.55 -14.12 -15.38
CA VAL B 252 -18.61 -13.54 -16.26
C VAL B 252 -18.67 -12.03 -16.02
N ALA B 253 -18.82 -11.59 -14.78
CA ALA B 253 -18.97 -10.16 -14.41
C ALA B 253 -17.74 -9.38 -14.88
N LEU B 254 -16.53 -9.90 -14.65
CA LEU B 254 -15.29 -9.18 -15.02
C LEU B 254 -15.24 -9.02 -16.53
N ALA B 255 -15.65 -10.04 -17.28
CA ALA B 255 -15.62 -10.06 -18.76
C ALA B 255 -16.66 -9.08 -19.33
N THR B 256 -17.76 -8.86 -18.60
CA THR B 256 -18.95 -8.10 -19.06
C THR B 256 -18.72 -6.62 -18.79
N SER B 257 -18.45 -6.24 -17.53
CA SER B 257 -18.38 -4.83 -17.04
C SER B 257 -16.94 -4.32 -16.93
N GLY B 258 -15.97 -5.18 -16.61
CA GLY B 258 -14.57 -4.78 -16.38
C GLY B 258 -14.40 -4.04 -15.06
N ASP B 259 -15.49 -3.82 -14.31
CA ASP B 259 -15.52 -3.06 -13.05
C ASP B 259 -15.39 -4.03 -11.87
N LEU B 260 -14.30 -3.92 -11.11
CA LEU B 260 -13.98 -4.83 -9.99
C LEU B 260 -15.11 -4.80 -8.95
N ALA B 261 -15.46 -3.62 -8.43
CA ALA B 261 -16.48 -3.47 -7.36
C ALA B 261 -17.82 -4.06 -7.82
N GLU B 262 -18.26 -3.78 -9.04
CA GLU B 262 -19.56 -4.29 -9.59
C GLU B 262 -19.46 -5.81 -9.72
N SER B 263 -18.32 -6.30 -10.22
CA SER B 263 -18.04 -7.73 -10.47
C SER B 263 -18.05 -8.51 -9.16
N VAL B 264 -17.39 -7.99 -8.12
CA VAL B 264 -17.30 -8.65 -6.78
C VAL B 264 -18.67 -8.65 -6.11
N ARG B 265 -19.45 -7.59 -6.32
CA ARG B 265 -20.81 -7.47 -5.76
C ARG B 265 -21.66 -8.55 -6.44
N PHE B 266 -21.56 -8.63 -7.76
CA PHE B 266 -22.35 -9.57 -8.59
C PHE B 266 -22.11 -11.01 -8.13
N ALA B 267 -20.83 -11.38 -7.96
CA ALA B 267 -20.40 -12.75 -7.59
C ALA B 267 -20.86 -13.08 -6.17
N SER B 268 -20.68 -12.12 -5.24
CA SER B 268 -21.19 -12.17 -3.86
C SER B 268 -22.69 -12.50 -3.86
N GLY B 269 -23.42 -11.87 -4.78
CA GLY B 269 -24.87 -12.06 -4.93
C GLY B 269 -25.23 -13.44 -5.44
N VAL B 270 -24.58 -13.90 -6.51
CA VAL B 270 -24.83 -15.24 -7.11
C VAL B 270 -24.54 -16.31 -6.04
N ALA B 271 -23.40 -16.22 -5.36
CA ALA B 271 -22.95 -17.20 -4.36
C ALA B 271 -23.92 -17.24 -3.18
N ALA B 272 -24.34 -16.08 -2.68
CA ALA B 272 -25.32 -15.93 -1.57
C ALA B 272 -26.60 -16.71 -1.93
N LEU B 273 -27.23 -16.41 -3.07
CA LEU B 273 -28.45 -17.12 -3.52
C LEU B 273 -28.20 -18.64 -3.53
N LYS B 274 -27.04 -19.10 -3.97
CA LYS B 274 -26.73 -20.55 -4.04
C LYS B 274 -26.76 -21.16 -2.65
N CYS B 275 -26.38 -20.40 -1.62
CA CYS B 275 -26.25 -20.89 -0.22
C CYS B 275 -27.63 -21.20 0.39
N THR B 276 -28.72 -20.76 -0.26
CA THR B 276 -30.10 -20.84 0.27
C THR B 276 -30.80 -22.10 -0.27
N ARG B 277 -30.09 -22.96 -0.99
CA ARG B 277 -30.62 -24.26 -1.47
C ARG B 277 -29.59 -25.36 -1.21
N PRO B 278 -30.02 -26.62 -0.99
CA PRO B 278 -29.08 -27.71 -0.76
C PRO B 278 -28.32 -28.07 -2.06
N GLY B 279 -27.08 -28.53 -1.93
CA GLY B 279 -26.24 -28.91 -3.07
C GLY B 279 -25.30 -27.80 -3.49
N GLY B 280 -24.31 -28.15 -4.32
CA GLY B 280 -23.30 -27.24 -4.89
C GLY B 280 -23.75 -26.57 -6.17
N ARG B 281 -24.80 -27.09 -6.82
CA ARG B 281 -25.23 -26.66 -8.18
C ARG B 281 -26.73 -26.35 -8.26
N ALA B 282 -27.56 -26.98 -7.44
CA ALA B 282 -29.04 -26.89 -7.50
C ALA B 282 -29.51 -25.45 -7.24
N GLY B 283 -28.81 -24.71 -6.39
CA GLY B 283 -29.20 -23.35 -5.95
C GLY B 283 -28.61 -22.25 -6.82
N ILE B 284 -27.84 -22.59 -7.86
CA ILE B 284 -27.16 -21.55 -8.69
C ILE B 284 -28.25 -20.76 -9.41
N PRO B 285 -28.37 -19.43 -9.16
CA PRO B 285 -29.37 -18.61 -9.82
C PRO B 285 -28.95 -18.27 -11.26
N ASP B 286 -29.92 -17.97 -12.13
CA ASP B 286 -29.65 -17.46 -13.51
C ASP B 286 -29.50 -15.94 -13.44
N CYS B 287 -29.22 -15.30 -14.58
CA CYS B 287 -28.96 -13.84 -14.69
C CYS B 287 -30.18 -13.05 -14.21
N ASP B 288 -31.39 -13.50 -14.59
CA ASP B 288 -32.66 -12.79 -14.28
C ASP B 288 -32.87 -12.84 -12.75
N GLN B 289 -32.82 -14.03 -12.15
CA GLN B 289 -32.95 -14.23 -10.68
C GLN B 289 -31.92 -13.37 -9.94
N THR B 290 -30.69 -13.28 -10.48
CA THR B 290 -29.55 -12.58 -9.84
C THR B 290 -29.77 -11.07 -9.93
N ARG B 291 -30.23 -10.59 -11.10
CA ARG B 291 -30.53 -9.14 -11.32
C ARG B 291 -31.68 -8.73 -10.37
N SER B 292 -32.74 -9.55 -10.32
CA SER B 292 -33.93 -9.39 -9.44
C SER B 292 -33.48 -9.25 -7.98
N PHE B 293 -32.63 -10.17 -7.52
CA PHE B 293 -32.15 -10.23 -6.12
C PHE B 293 -31.31 -8.99 -5.83
N LEU B 294 -30.44 -8.58 -6.75
CA LEU B 294 -29.50 -7.45 -6.54
C LEU B 294 -30.25 -6.10 -6.62
N SER B 295 -31.38 -6.06 -7.31
CA SER B 295 -32.22 -4.84 -7.45
C SER B 295 -32.78 -4.41 -6.07
N LEU B 296 -33.22 -5.36 -5.23
CA LEU B 296 -33.45 -5.12 -3.77
C LEU B 296 -32.17 -5.44 -2.99
N MET C 1 -9.19 24.71 -3.86
CA MET C 1 -8.71 23.38 -3.38
C MET C 1 -7.82 22.75 -4.45
N ILE C 2 -8.40 22.28 -5.57
CA ILE C 2 -7.62 21.65 -6.68
C ILE C 2 -6.88 22.76 -7.44
N ARG C 3 -5.59 22.56 -7.72
CA ARG C 3 -4.68 23.57 -8.34
C ARG C 3 -4.22 23.02 -9.70
N VAL C 4 -4.71 23.63 -10.79
CA VAL C 4 -4.52 23.15 -12.19
C VAL C 4 -3.68 24.16 -12.97
N ALA C 5 -2.70 23.67 -13.72
CA ALA C 5 -2.03 24.42 -14.81
C ALA C 5 -2.43 23.82 -16.15
N CYS C 6 -2.86 24.65 -17.10
CA CYS C 6 -3.20 24.23 -18.48
C CYS C 6 -2.19 24.88 -19.42
N VAL C 7 -1.31 24.07 -20.02
CA VAL C 7 -0.21 24.51 -20.93
C VAL C 7 -0.66 24.25 -22.36
N GLY C 8 -0.66 25.28 -23.20
CA GLY C 8 -0.92 25.11 -24.64
C GLY C 8 -1.27 26.43 -25.32
N ILE C 9 -2.20 26.38 -26.26
CA ILE C 9 -2.47 27.52 -27.16
C ILE C 9 -3.76 28.20 -26.73
N THR C 10 -3.83 29.50 -27.01
CA THR C 10 -5.05 30.32 -26.88
C THR C 10 -5.27 30.97 -28.24
N VAL C 11 -6.47 30.75 -28.77
CA VAL C 11 -6.83 31.04 -30.18
C VAL C 11 -8.17 31.77 -30.15
N MET C 12 -8.31 32.83 -30.95
CA MET C 12 -9.64 33.41 -31.18
C MET C 12 -10.34 32.54 -32.23
N ASP C 13 -11.49 31.99 -31.86
CA ASP C 13 -12.36 31.19 -32.74
C ASP C 13 -13.38 32.14 -33.38
N ARG C 14 -13.45 32.14 -34.71
CA ARG C 14 -14.57 32.73 -35.46
C ARG C 14 -15.40 31.57 -36.01
N ILE C 15 -16.63 31.42 -35.51
CA ILE C 15 -17.52 30.25 -35.75
C ILE C 15 -18.65 30.66 -36.71
N TYR C 16 -18.67 30.05 -37.89
CA TYR C 16 -19.66 30.29 -38.97
C TYR C 16 -20.61 29.08 -38.99
N TYR C 17 -21.90 29.31 -38.74
CA TYR C 17 -22.96 28.27 -38.71
C TYR C 17 -23.59 28.19 -40.10
N VAL C 18 -23.48 27.02 -40.74
CA VAL C 18 -23.79 26.79 -42.17
C VAL C 18 -24.85 25.68 -42.24
N GLU C 19 -25.43 25.44 -43.43
CA GLU C 19 -26.50 24.40 -43.58
C GLU C 19 -25.78 23.06 -43.72
N GLY C 20 -24.86 22.99 -44.69
CA GLY C 20 -23.95 21.86 -44.91
C GLY C 20 -22.49 22.29 -44.82
N LEU C 21 -21.61 21.40 -44.38
CA LEU C 21 -20.14 21.59 -44.44
C LEU C 21 -19.74 21.65 -45.91
N PRO C 22 -18.83 22.57 -46.31
CA PRO C 22 -18.24 22.59 -47.65
C PRO C 22 -17.70 21.25 -48.16
N THR C 23 -18.37 20.66 -49.15
CA THR C 23 -17.99 19.38 -49.83
C THR C 23 -16.96 19.66 -50.94
N GLU C 24 -17.17 20.73 -51.72
CA GLU C 24 -16.36 21.14 -52.90
C GLU C 24 -16.07 22.65 -52.81
N SER C 25 -15.20 23.17 -53.68
CA SER C 25 -14.88 24.63 -53.82
C SER C 25 -16.17 25.42 -54.10
N GLY C 26 -16.16 26.74 -53.85
CA GLY C 26 -17.27 27.66 -54.10
C GLY C 26 -17.71 28.46 -52.86
N LYS C 27 -18.74 29.28 -53.04
CA LYS C 27 -19.22 30.31 -52.10
C LYS C 27 -20.38 29.73 -51.27
N TYR C 28 -20.30 29.85 -49.94
CA TYR C 28 -21.33 29.40 -48.97
C TYR C 28 -21.77 30.58 -48.10
N VAL C 29 -22.96 30.52 -47.52
CA VAL C 29 -23.53 31.59 -46.66
C VAL C 29 -23.75 31.02 -45.26
N ALA C 30 -23.29 31.73 -44.24
CA ALA C 30 -23.47 31.40 -42.83
C ALA C 30 -24.81 31.99 -42.35
N ARG C 31 -25.72 31.13 -41.92
CA ARG C 31 -27.00 31.52 -41.28
C ARG C 31 -26.70 32.31 -40.01
N ASN C 32 -25.62 31.97 -39.30
CA ASN C 32 -25.29 32.62 -38.00
C ASN C 32 -23.76 32.67 -37.79
N TYR C 33 -23.33 33.42 -36.77
CA TYR C 33 -21.89 33.66 -36.46
C TYR C 33 -21.74 33.92 -34.96
N THR C 34 -20.74 33.32 -34.33
CA THR C 34 -20.24 33.76 -32.99
C THR C 34 -18.70 33.80 -33.00
N GLU C 35 -18.16 34.67 -32.17
CA GLU C 35 -16.71 34.88 -31.95
C GLU C 35 -16.43 34.59 -30.47
N VAL C 36 -15.48 33.73 -30.19
CA VAL C 36 -15.27 33.17 -28.81
C VAL C 36 -13.79 32.79 -28.72
N GLY C 37 -13.19 32.84 -27.53
CA GLY C 37 -11.85 32.28 -27.28
C GLY C 37 -11.88 30.77 -27.31
N GLY C 38 -10.93 30.15 -28.00
CA GLY C 38 -10.72 28.71 -28.00
C GLY C 38 -9.25 28.46 -27.76
N GLY C 39 -8.78 27.31 -28.25
CA GLY C 39 -7.50 26.71 -27.88
C GLY C 39 -7.78 25.57 -26.90
N PRO C 40 -7.31 24.34 -27.20
CA PRO C 40 -7.52 23.22 -26.29
C PRO C 40 -7.19 23.56 -24.83
N ALA C 41 -5.94 23.92 -24.53
CA ALA C 41 -5.48 24.18 -23.15
C ALA C 41 -6.32 25.31 -22.53
N ALA C 42 -6.57 26.36 -23.30
CA ALA C 42 -7.33 27.56 -22.87
C ALA C 42 -8.74 27.17 -22.45
N THR C 43 -9.46 26.46 -23.32
CA THR C 43 -10.88 26.06 -23.07
C THR C 43 -10.91 25.05 -21.92
N ALA C 44 -9.95 24.15 -21.81
CA ALA C 44 -9.81 23.22 -20.67
C ALA C 44 -9.70 24.04 -19.38
N ALA C 45 -8.83 25.05 -19.37
CA ALA C 45 -8.62 25.97 -18.23
C ALA C 45 -9.97 26.58 -17.83
N VAL C 46 -10.70 27.12 -18.80
CA VAL C 46 -12.07 27.69 -18.59
C VAL C 46 -12.96 26.61 -17.94
N ALA C 47 -12.89 25.36 -18.39
CA ALA C 47 -13.77 24.28 -17.85
C ALA C 47 -13.40 24.02 -16.39
N ALA C 48 -12.11 23.83 -16.09
CA ALA C 48 -11.58 23.52 -14.75
C ALA C 48 -11.99 24.61 -13.76
N ALA C 49 -11.93 25.87 -14.19
CA ALA C 49 -12.31 27.06 -13.39
C ALA C 49 -13.80 26.98 -13.07
N ARG C 50 -14.63 26.75 -14.07
CA ARG C 50 -16.09 26.57 -13.94
C ARG C 50 -16.37 25.50 -12.89
N LEU C 51 -15.54 24.45 -12.82
CA LEU C 51 -15.77 23.29 -11.90
C LEU C 51 -15.14 23.57 -10.53
N GLY C 52 -14.60 24.77 -10.31
CA GLY C 52 -14.22 25.28 -8.99
C GLY C 52 -12.74 25.11 -8.68
N ALA C 53 -11.93 24.73 -9.67
CA ALA C 53 -10.45 24.65 -9.53
C ALA C 53 -9.85 26.06 -9.59
N GLN C 54 -8.70 26.26 -8.94
CA GLN C 54 -7.78 27.40 -9.17
C GLN C 54 -6.96 27.04 -10.41
N VAL C 55 -7.11 27.80 -11.51
CA VAL C 55 -6.51 27.43 -12.83
C VAL C 55 -5.52 28.51 -13.30
N ASP C 56 -4.37 28.06 -13.76
CA ASP C 56 -3.38 28.87 -14.53
C ASP C 56 -3.44 28.43 -15.99
N PHE C 57 -3.62 29.37 -16.92
CA PHE C 57 -3.28 29.15 -18.34
C PHE C 57 -1.83 29.60 -18.56
N ILE C 58 -1.02 28.72 -19.13
CA ILE C 58 0.40 28.98 -19.48
C ILE C 58 0.56 28.75 -20.98
N GLY C 59 0.55 29.83 -21.76
CA GLY C 59 0.79 29.80 -23.23
C GLY C 59 1.38 31.09 -23.70
N ARG C 60 1.21 31.40 -24.98
CA ARG C 60 1.78 32.59 -25.65
C ARG C 60 0.65 33.36 -26.34
N VAL C 61 0.65 34.69 -26.24
CA VAL C 61 -0.28 35.59 -26.98
C VAL C 61 0.56 36.70 -27.63
N GLY C 62 -0.05 37.43 -28.59
CA GLY C 62 0.54 38.66 -29.14
C GLY C 62 0.05 39.87 -28.37
N ASP C 63 0.46 41.06 -28.78
CA ASP C 63 0.05 42.34 -28.14
C ASP C 63 -0.97 43.03 -29.04
N ASP C 64 -1.73 42.27 -29.82
CA ASP C 64 -2.74 42.78 -30.79
C ASP C 64 -4.11 42.80 -30.12
N ASP C 65 -5.15 43.33 -30.77
CA ASP C 65 -6.49 43.42 -30.13
C ASP C 65 -6.93 42.00 -29.78
N THR C 66 -6.55 41.02 -30.61
CA THR C 66 -6.94 39.60 -30.43
C THR C 66 -6.35 39.09 -29.11
N GLY C 67 -5.04 39.24 -28.94
CA GLY C 67 -4.35 38.85 -27.70
C GLY C 67 -5.00 39.46 -26.49
N ASN C 68 -5.31 40.76 -26.52
CA ASN C 68 -5.91 41.51 -25.38
C ASN C 68 -7.29 40.93 -25.10
N SER C 69 -8.07 40.62 -26.15
CA SER C 69 -9.41 39.97 -26.02
C SER C 69 -9.24 38.60 -25.37
N LEU C 70 -8.30 37.79 -25.85
CA LEU C 70 -8.09 36.40 -25.37
C LEU C 70 -7.81 36.44 -23.87
N LEU C 71 -6.83 37.23 -23.43
CA LEU C 71 -6.44 37.40 -22.00
C LEU C 71 -7.67 37.89 -21.22
N ALA C 72 -8.36 38.90 -21.74
CA ALA C 72 -9.55 39.49 -21.08
C ALA C 72 -10.57 38.37 -20.83
N GLU C 73 -10.94 37.63 -21.89
CA GLU C 73 -11.94 36.53 -21.82
C GLU C 73 -11.51 35.56 -20.71
N LEU C 74 -10.23 35.16 -20.70
CA LEU C 74 -9.73 34.13 -19.75
C LEU C 74 -9.85 34.66 -18.32
N GLU C 75 -9.45 35.92 -18.09
CA GLU C 75 -9.60 36.57 -16.76
C GLU C 75 -11.08 36.52 -16.34
N SER C 76 -12.00 36.87 -17.24
CA SER C 76 -13.46 36.92 -16.98
C SER C 76 -14.00 35.54 -16.62
N TRP C 77 -13.37 34.47 -17.10
CA TRP C 77 -13.82 33.07 -16.85
C TRP C 77 -13.21 32.53 -15.54
N GLY C 78 -12.33 33.29 -14.89
CA GLY C 78 -11.73 32.93 -13.60
C GLY C 78 -10.37 32.25 -13.77
N VAL C 79 -9.72 32.44 -14.92
CA VAL C 79 -8.47 31.71 -15.27
C VAL C 79 -7.31 32.68 -15.15
N ASN C 80 -6.30 32.36 -14.34
CA ASN C 80 -5.10 33.22 -14.15
C ASN C 80 -4.19 33.14 -15.37
N THR C 81 -3.68 34.28 -15.85
CA THR C 81 -2.83 34.38 -17.08
C THR C 81 -1.46 34.95 -16.71
N ARG C 82 -1.10 34.90 -15.43
CA ARG C 82 0.14 35.52 -14.90
C ARG C 82 1.38 34.88 -15.54
N TYR C 83 1.36 33.59 -15.86
CA TYR C 83 2.53 32.86 -16.43
C TYR C 83 2.47 32.79 -17.96
N THR C 84 1.48 33.42 -18.59
CA THR C 84 1.34 33.49 -20.07
C THR C 84 2.32 34.55 -20.61
N LYS C 85 3.15 34.18 -21.59
CA LYS C 85 4.15 35.08 -22.24
C LYS C 85 3.45 35.91 -23.33
N ARG C 86 3.56 37.24 -23.28
CA ARG C 86 3.08 38.21 -24.31
C ARG C 86 4.25 38.61 -25.21
N TYR C 87 4.21 38.28 -26.51
CA TYR C 87 5.25 38.72 -27.49
C TYR C 87 4.90 40.13 -27.94
N ASN C 88 5.90 41.02 -27.90
CA ASN C 88 5.79 42.42 -28.36
C ASN C 88 5.67 42.40 -29.89
N GLN C 89 4.89 43.31 -30.46
CA GLN C 89 4.63 43.45 -31.92
C GLN C 89 4.41 42.06 -32.54
N ALA C 90 3.37 41.36 -32.06
CA ALA C 90 3.07 39.97 -32.47
C ALA C 90 1.56 39.78 -32.66
N LYS C 91 1.19 39.05 -33.72
CA LYS C 91 -0.19 38.63 -34.03
C LYS C 91 -0.46 37.34 -33.23
N SER C 92 -1.63 37.24 -32.61
CA SER C 92 -2.10 36.03 -31.89
C SER C 92 -2.65 35.05 -32.92
N SER C 93 -2.86 33.80 -32.50
CA SER C 93 -3.37 32.69 -33.31
C SER C 93 -4.90 32.81 -33.41
N GLN C 94 -5.48 32.28 -34.48
CA GLN C 94 -6.94 32.44 -34.78
C GLN C 94 -7.40 31.22 -35.58
N SER C 95 -8.64 30.78 -35.38
CA SER C 95 -9.27 29.65 -36.11
C SER C 95 -10.57 30.12 -36.77
N ALA C 96 -10.82 29.69 -37.99
CA ALA C 96 -12.17 29.73 -38.62
C ALA C 96 -12.79 28.34 -38.40
N ILE C 97 -13.98 28.30 -37.83
CA ILE C 97 -14.74 27.04 -37.57
C ILE C 97 -16.06 27.11 -38.32
N MET C 98 -16.31 26.09 -39.16
CA MET C 98 -17.62 25.86 -39.82
C MET C 98 -18.39 24.81 -39.02
N VAL C 99 -19.65 25.10 -38.69
CA VAL C 99 -20.56 24.15 -37.98
C VAL C 99 -21.83 23.93 -38.82
N ASP C 100 -22.12 22.68 -39.14
CA ASP C 100 -23.36 22.08 -39.71
C ASP C 100 -24.53 22.21 -38.75
N THR C 101 -25.75 21.94 -39.22
CA THR C 101 -27.00 21.94 -38.38
C THR C 101 -27.00 20.78 -37.37
N LYS C 102 -26.37 19.66 -37.69
CA LYS C 102 -26.15 18.51 -36.76
C LYS C 102 -25.12 18.92 -35.67
N GLY C 103 -24.09 19.69 -36.05
CA GLY C 103 -23.00 20.05 -35.15
C GLY C 103 -21.65 19.55 -35.64
N GLU C 104 -21.59 18.85 -36.79
CA GLU C 104 -20.31 18.47 -37.47
C GLU C 104 -19.47 19.74 -37.71
N ARG C 105 -18.16 19.69 -37.43
CA ARG C 105 -17.29 20.89 -37.36
C ARG C 105 -16.11 20.72 -38.33
N ILE C 106 -15.70 21.80 -39.01
CA ILE C 106 -14.39 21.93 -39.73
C ILE C 106 -13.61 23.04 -39.02
N ILE C 107 -12.36 22.76 -38.61
CA ILE C 107 -11.50 23.79 -37.95
C ILE C 107 -10.30 24.07 -38.85
N ILE C 108 -10.13 25.32 -39.26
CA ILE C 108 -8.90 25.83 -39.92
C ILE C 108 -8.15 26.66 -38.88
N ASN C 109 -7.07 26.14 -38.30
CA ASN C 109 -6.27 26.88 -37.31
C ASN C 109 -5.09 27.56 -38.02
N TYR C 110 -4.89 28.84 -37.74
CA TYR C 110 -3.65 29.57 -38.08
C TYR C 110 -2.81 29.81 -36.83
N PRO C 111 -1.73 29.02 -36.59
CA PRO C 111 -0.79 29.27 -35.52
C PRO C 111 0.13 30.41 -35.95
N SER C 112 0.07 31.54 -35.23
CA SER C 112 0.91 32.74 -35.52
C SER C 112 2.39 32.37 -35.41
N PRO C 113 3.20 32.62 -36.45
CA PRO C 113 4.64 32.37 -36.38
C PRO C 113 5.39 33.39 -35.52
N ASP C 114 4.76 34.52 -35.17
CA ASP C 114 5.29 35.53 -34.22
C ASP C 114 5.46 34.92 -32.81
N LEU C 115 4.65 33.91 -32.48
CA LEU C 115 4.72 33.24 -31.15
C LEU C 115 5.78 32.15 -31.26
N LEU C 116 6.92 32.34 -30.64
CA LEU C 116 8.12 31.49 -30.87
C LEU C 116 7.94 30.19 -30.09
N PRO C 117 8.33 29.07 -30.71
CA PRO C 117 8.14 27.75 -30.13
C PRO C 117 9.00 27.51 -28.88
N ASP C 118 10.12 28.24 -28.70
CA ASP C 118 11.00 28.17 -27.51
C ASP C 118 10.15 28.07 -26.24
N ALA C 119 10.42 27.08 -25.40
CA ALA C 119 9.72 26.87 -24.12
C ALA C 119 10.74 26.86 -22.97
N GLU C 120 11.98 27.24 -23.23
CA GLU C 120 13.08 27.32 -22.23
C GLU C 120 12.60 28.23 -21.07
N TRP C 121 11.82 29.27 -21.38
CA TRP C 121 11.33 30.25 -20.37
C TRP C 121 10.46 29.59 -19.28
N LEU C 122 9.91 28.39 -19.50
CA LEU C 122 9.08 27.69 -18.49
C LEU C 122 9.98 27.19 -17.34
N GLU C 123 11.29 27.09 -17.57
CA GLU C 123 12.30 26.68 -16.54
C GLU C 123 12.28 27.70 -15.41
N GLU C 124 11.86 28.95 -15.68
CA GLU C 124 11.74 30.04 -14.68
C GLU C 124 10.50 29.85 -13.80
N ILE C 125 9.66 28.83 -14.03
CA ILE C 125 8.41 28.61 -13.25
C ILE C 125 8.61 27.37 -12.37
N ASP C 126 8.03 27.40 -11.16
CA ASP C 126 8.07 26.29 -10.18
C ASP C 126 6.75 25.50 -10.28
N PHE C 127 6.80 24.32 -10.91
CA PHE C 127 5.63 23.47 -11.25
C PHE C 127 5.08 22.75 -10.02
N SER C 128 5.79 22.83 -8.89
CA SER C 128 5.37 22.20 -7.61
C SER C 128 4.09 22.86 -7.08
N GLN C 129 3.70 24.01 -7.61
CA GLN C 129 2.58 24.83 -7.04
C GLN C 129 1.24 24.35 -7.58
N TRP C 130 1.20 23.23 -8.31
CA TRP C 130 -0.06 22.68 -8.90
C TRP C 130 -0.18 21.19 -8.58
N ASP C 131 -1.41 20.69 -8.51
CA ASP C 131 -1.73 19.26 -8.23
C ASP C 131 -1.72 18.46 -9.54
N VAL C 132 -2.09 19.11 -10.66
CA VAL C 132 -2.12 18.46 -12.00
C VAL C 132 -1.63 19.48 -13.04
N VAL C 133 -0.98 19.00 -14.09
CA VAL C 133 -0.59 19.83 -15.26
C VAL C 133 -1.20 19.19 -16.49
N LEU C 134 -2.09 19.92 -17.16
CA LEU C 134 -2.69 19.52 -18.45
C LEU C 134 -1.96 20.28 -19.56
N ALA C 135 -1.61 19.60 -20.64
CA ALA C 135 -0.96 20.18 -21.83
C ALA C 135 -1.70 19.73 -23.08
N ASP C 136 -1.99 20.65 -24.00
CA ASP C 136 -2.36 20.29 -25.38
C ASP C 136 -1.07 20.07 -26.18
N VAL C 137 -1.17 19.49 -27.37
CA VAL C 137 -0.01 19.08 -28.20
C VAL C 137 0.28 20.16 -29.25
N ARG C 138 -0.45 21.29 -29.21
CA ARG C 138 -0.41 22.34 -30.27
C ARG C 138 0.82 23.23 -30.06
N TRP C 139 1.37 23.28 -28.85
CA TRP C 139 2.69 23.89 -28.52
C TRP C 139 3.59 22.80 -27.93
N HIS C 140 4.29 22.09 -28.82
CA HIS C 140 5.07 20.86 -28.54
C HIS C 140 6.09 21.13 -27.43
N ASP C 141 6.99 22.11 -27.62
CA ASP C 141 8.12 22.35 -26.69
C ASP C 141 7.52 22.71 -25.32
N GLY C 142 6.43 23.48 -25.30
CA GLY C 142 5.67 23.80 -24.08
C GLY C 142 5.26 22.55 -23.33
N ALA C 143 4.52 21.65 -23.98
CA ALA C 143 4.05 20.38 -23.38
C ALA C 143 5.26 19.61 -22.84
N LYS C 144 6.32 19.50 -23.63
CA LYS C 144 7.54 18.73 -23.27
C LYS C 144 8.16 19.32 -22.00
N LYS C 145 8.48 20.62 -22.00
CA LYS C 145 9.18 21.27 -20.86
C LYS C 145 8.23 21.22 -19.65
N ALA C 146 6.96 21.57 -19.86
CA ALA C 146 5.93 21.62 -18.80
C ALA C 146 5.83 20.25 -18.13
N PHE C 147 5.81 19.16 -18.92
CA PHE C 147 5.64 17.77 -18.43
C PHE C 147 6.94 17.29 -17.77
N THR C 148 8.10 17.61 -18.35
CA THR C 148 9.42 17.28 -17.76
C THR C 148 9.49 17.83 -16.34
N LEU C 149 9.19 19.11 -16.17
CA LEU C 149 9.29 19.82 -14.86
C LEU C 149 8.23 19.30 -13.90
N ALA C 150 7.04 18.98 -14.40
CA ALA C 150 5.91 18.40 -13.62
C ALA C 150 6.33 17.03 -13.08
N ARG C 151 6.88 16.17 -13.94
CA ARG C 151 7.40 14.83 -13.58
C ARG C 151 8.41 15.01 -12.44
N GLN C 152 9.39 15.91 -12.60
CA GLN C 152 10.48 16.19 -11.64
C GLN C 152 9.95 16.69 -10.29
N ALA C 153 8.75 17.25 -10.24
CA ALA C 153 8.10 17.76 -9.01
C ALA C 153 7.05 16.77 -8.49
N GLY C 154 6.96 15.59 -9.11
CA GLY C 154 5.97 14.54 -8.80
C GLY C 154 4.53 15.01 -8.97
N VAL C 155 4.28 15.87 -9.95
CA VAL C 155 2.93 16.41 -10.27
C VAL C 155 2.33 15.58 -11.43
N MET C 156 1.06 15.22 -11.29
CA MET C 156 0.31 14.43 -12.30
C MET C 156 0.31 15.20 -13.64
N THR C 157 0.49 14.49 -14.75
CA THR C 157 0.46 15.07 -16.10
C THR C 157 -0.71 14.45 -16.88
N VAL C 158 -1.45 15.28 -17.61
CA VAL C 158 -2.61 14.86 -18.44
C VAL C 158 -2.48 15.49 -19.82
N LEU C 159 -2.34 14.67 -20.85
CA LEU C 159 -2.17 15.14 -22.25
C LEU C 159 -3.52 15.13 -22.95
N ASP C 160 -3.84 16.21 -23.65
CA ASP C 160 -4.87 16.24 -24.72
C ASP C 160 -4.14 15.90 -26.02
N GLY C 161 -4.05 14.61 -26.35
CA GLY C 161 -3.34 14.08 -27.53
C GLY C 161 -4.19 14.18 -28.78
N ASP C 162 -4.43 15.41 -29.27
CA ASP C 162 -5.21 15.67 -30.51
C ASP C 162 -4.30 15.39 -31.69
N ILE C 163 -4.83 15.46 -32.92
CA ILE C 163 -4.03 15.35 -34.17
C ILE C 163 -3.18 16.62 -34.30
N THR C 164 -1.94 16.48 -34.77
CA THR C 164 -1.00 17.61 -34.94
C THR C 164 0.10 17.14 -35.89
N PRO C 165 0.64 18.04 -36.76
CA PRO C 165 1.69 17.67 -37.69
C PRO C 165 2.85 16.91 -37.01
N GLN C 166 3.34 17.42 -35.87
CA GLN C 166 4.52 16.87 -35.15
C GLN C 166 4.14 15.54 -34.49
N ASP C 167 5.14 14.75 -34.12
CA ASP C 167 5.02 13.41 -33.48
C ASP C 167 4.99 13.57 -31.96
N ILE C 168 3.95 13.09 -31.28
CA ILE C 168 3.69 13.39 -29.85
C ILE C 168 4.22 12.26 -28.95
N SER C 169 4.96 11.30 -29.49
CA SER C 169 5.38 10.07 -28.76
C SER C 169 6.17 10.44 -27.50
N GLU C 170 7.03 11.46 -27.56
CA GLU C 170 7.84 11.90 -26.38
C GLU C 170 6.92 12.57 -25.34
N LEU C 171 5.82 13.21 -25.77
CA LEU C 171 4.82 13.82 -24.85
C LEU C 171 4.06 12.71 -24.11
N VAL C 172 3.56 11.73 -24.86
CA VAL C 172 2.88 10.51 -24.31
C VAL C 172 3.80 9.85 -23.27
N ALA C 173 5.09 9.67 -23.60
CA ALA C 173 6.12 9.10 -22.72
C ALA C 173 6.03 9.74 -21.33
N LEU C 174 5.83 11.06 -21.29
CA LEU C 174 5.84 11.87 -20.04
C LEU C 174 4.42 12.03 -19.46
N SER C 175 3.42 11.31 -19.98
CA SER C 175 2.00 11.51 -19.61
C SER C 175 1.55 10.43 -18.61
N ASP C 176 1.17 10.81 -17.39
CA ASP C 176 0.51 9.89 -16.43
C ASP C 176 -0.87 9.51 -16.97
N HIS C 177 -1.46 10.37 -17.80
CA HIS C 177 -2.78 10.19 -18.46
C HIS C 177 -2.73 10.80 -19.86
N ALA C 178 -2.86 9.97 -20.90
CA ALA C 178 -2.85 10.39 -22.31
C ALA C 178 -4.24 10.13 -22.90
N ALA C 179 -5.07 11.17 -22.92
CA ALA C 179 -6.43 11.16 -23.50
C ALA C 179 -6.33 11.63 -24.94
N PHE C 180 -6.36 10.71 -25.90
CA PHE C 180 -6.24 10.99 -27.36
C PHE C 180 -7.62 11.28 -27.94
N SER C 181 -7.65 11.97 -29.07
CA SER C 181 -8.81 11.98 -30.02
C SER C 181 -8.58 10.81 -30.99
N GLU C 182 -9.62 10.39 -31.71
CA GLU C 182 -9.51 9.33 -32.76
C GLU C 182 -8.41 9.76 -33.74
N PRO C 183 -8.48 10.97 -34.35
CA PRO C 183 -7.43 11.41 -35.27
C PRO C 183 -6.06 11.47 -34.58
N GLY C 184 -6.03 11.85 -33.30
CA GLY C 184 -4.79 11.97 -32.53
C GLY C 184 -4.09 10.62 -32.37
N LEU C 185 -4.85 9.57 -32.04
CA LEU C 185 -4.33 8.20 -31.80
C LEU C 185 -3.87 7.60 -33.13
N ALA C 186 -4.65 7.82 -34.20
CA ALA C 186 -4.35 7.38 -35.57
C ALA C 186 -3.05 8.04 -36.06
N ARG C 187 -2.92 9.36 -35.93
CA ARG C 187 -1.70 10.09 -36.38
C ARG C 187 -0.49 9.57 -35.60
N LEU C 188 -0.65 9.26 -34.31
CA LEU C 188 0.48 8.87 -33.44
C LEU C 188 0.99 7.50 -33.86
N THR C 189 0.08 6.52 -33.98
CA THR C 189 0.40 5.08 -34.17
C THR C 189 0.55 4.73 -35.66
N GLY C 190 -0.24 5.37 -36.52
CA GLY C 190 -0.36 5.01 -37.94
C GLY C 190 -1.28 3.81 -38.10
N VAL C 191 -2.15 3.55 -37.11
CA VAL C 191 -3.13 2.42 -37.12
C VAL C 191 -4.54 3.01 -37.17
N LYS C 192 -5.39 2.52 -38.06
CA LYS C 192 -6.80 2.96 -38.22
C LYS C 192 -7.70 2.19 -37.23
N GLU C 193 -7.33 0.96 -36.82
CA GLU C 193 -8.15 0.17 -35.84
C GLU C 193 -7.90 0.72 -34.44
N MET C 194 -8.92 1.31 -33.80
CA MET C 194 -8.82 2.01 -32.48
C MET C 194 -8.32 1.04 -31.39
N ALA C 195 -8.79 -0.21 -31.44
CA ALA C 195 -8.46 -1.28 -30.47
C ALA C 195 -6.95 -1.51 -30.47
N SER C 196 -6.39 -1.74 -31.65
CA SER C 196 -4.94 -2.08 -31.85
C SER C 196 -4.08 -0.86 -31.52
N ALA C 197 -4.52 0.32 -31.97
CA ALA C 197 -3.84 1.62 -31.77
C ALA C 197 -3.67 1.90 -30.27
N LEU C 198 -4.75 1.72 -29.47
CA LEU C 198 -4.70 1.98 -28.00
C LEU C 198 -3.61 1.10 -27.38
N LYS C 199 -3.59 -0.20 -27.73
CA LYS C 199 -2.56 -1.18 -27.30
C LYS C 199 -1.16 -0.66 -27.66
N GLN C 200 -0.96 -0.17 -28.89
CA GLN C 200 0.36 0.31 -29.39
C GLN C 200 0.76 1.56 -28.61
N ALA C 201 -0.20 2.44 -28.30
CA ALA C 201 0.03 3.71 -27.57
C ALA C 201 0.47 3.39 -26.13
N GLN C 202 -0.13 2.36 -25.53
CA GLN C 202 0.12 1.94 -24.12
C GLN C 202 1.62 1.64 -23.94
N THR C 203 2.29 1.09 -24.96
CA THR C 203 3.73 0.71 -24.91
C THR C 203 4.59 1.95 -24.65
N LEU C 204 4.12 3.15 -24.98
CA LEU C 204 4.90 4.42 -24.90
C LEU C 204 4.92 4.98 -23.48
N THR C 205 4.02 4.57 -22.59
CA THR C 205 3.85 5.25 -21.28
C THR C 205 3.47 4.25 -20.18
N ASN C 206 4.01 4.43 -18.96
CA ASN C 206 3.59 3.68 -17.75
C ASN C 206 2.31 4.28 -17.17
N GLY C 207 1.78 5.33 -17.79
CA GLY C 207 0.49 5.93 -17.42
C GLY C 207 -0.64 5.30 -18.21
N HIS C 208 -1.86 5.77 -17.98
CA HIS C 208 -3.08 5.23 -18.65
C HIS C 208 -3.29 5.96 -19.98
N VAL C 209 -3.95 5.29 -20.92
CA VAL C 209 -4.30 5.87 -22.24
C VAL C 209 -5.82 5.82 -22.40
N TYR C 210 -6.38 6.84 -23.04
CA TYR C 210 -7.83 6.99 -23.34
C TYR C 210 -7.97 7.41 -24.80
N VAL C 211 -9.13 7.18 -25.40
CA VAL C 211 -9.46 7.71 -26.76
C VAL C 211 -10.93 8.15 -26.74
N THR C 212 -11.18 9.41 -27.09
CA THR C 212 -12.55 9.97 -27.22
C THR C 212 -12.97 9.77 -28.66
N GLN C 213 -14.26 9.49 -28.88
CA GLN C 213 -14.86 9.14 -30.19
C GLN C 213 -16.18 9.91 -30.37
N GLY C 214 -16.23 11.17 -29.97
CA GLY C 214 -17.42 12.03 -30.10
C GLY C 214 -18.63 11.41 -29.45
N SER C 215 -19.74 11.31 -30.19
CA SER C 215 -21.03 10.74 -29.70
C SER C 215 -20.87 9.23 -29.46
N ALA C 216 -19.81 8.60 -29.97
CA ALA C 216 -19.48 7.18 -29.73
C ALA C 216 -18.85 6.98 -28.34
N GLY C 217 -18.55 8.06 -27.63
CA GLY C 217 -18.13 8.04 -26.21
C GLY C 217 -16.63 8.01 -26.05
N CYS C 218 -16.14 7.33 -25.02
CA CYS C 218 -14.71 7.29 -24.60
C CYS C 218 -14.30 5.88 -24.17
N ASP C 219 -13.15 5.42 -24.62
CA ASP C 219 -12.56 4.09 -24.29
C ASP C 219 -11.20 4.29 -23.64
N TRP C 220 -10.85 3.45 -22.66
CA TRP C 220 -9.52 3.46 -21.99
C TRP C 220 -9.11 2.04 -21.63
N LEU C 221 -7.82 1.85 -21.28
CA LEU C 221 -7.26 0.55 -20.88
C LEU C 221 -7.08 0.54 -19.35
N GLU C 222 -7.69 -0.43 -18.67
CA GLU C 222 -7.67 -0.64 -17.19
C GLU C 222 -7.65 -2.14 -16.89
N GLY C 225 -8.53 -5.04 -19.71
CA GLY C 225 -8.41 -4.43 -21.05
C GLY C 225 -9.36 -3.26 -21.24
N ARG C 226 -10.03 -3.17 -22.40
CA ARG C 226 -10.71 -1.94 -22.90
C ARG C 226 -12.03 -1.73 -22.13
N GLN C 227 -12.15 -0.61 -21.42
CA GLN C 227 -13.42 -0.13 -20.80
C GLN C 227 -14.08 0.87 -21.75
N HIS C 228 -15.41 1.04 -21.65
CA HIS C 228 -16.18 1.96 -22.52
C HIS C 228 -17.16 2.78 -21.67
N GLN C 229 -17.11 4.09 -21.85
CA GLN C 229 -18.13 5.07 -21.38
C GLN C 229 -18.87 5.58 -22.62
N PRO C 230 -20.20 5.29 -22.74
CA PRO C 230 -21.01 5.90 -23.79
C PRO C 230 -21.11 7.42 -23.59
N ALA C 231 -21.20 8.19 -24.69
CA ALA C 231 -21.56 9.61 -24.65
C ALA C 231 -22.95 9.71 -24.03
N PHE C 232 -23.28 10.86 -23.43
CA PHE C 232 -24.67 11.16 -22.98
C PHE C 232 -25.38 11.79 -24.16
N LYS C 233 -26.43 11.14 -24.69
CA LYS C 233 -27.28 11.67 -25.78
C LYS C 233 -27.92 12.99 -25.30
N VAL C 234 -27.68 14.09 -26.00
CA VAL C 234 -28.24 15.44 -25.67
C VAL C 234 -28.69 16.12 -26.96
N ASP C 235 -29.41 17.24 -26.87
CA ASP C 235 -29.73 18.09 -28.06
C ASP C 235 -28.44 18.81 -28.48
N VAL C 236 -27.70 18.26 -29.45
CA VAL C 236 -26.39 18.81 -29.90
C VAL C 236 -26.63 20.03 -30.79
N VAL C 237 -26.11 21.18 -30.37
CA VAL C 237 -26.08 22.47 -31.13
C VAL C 237 -24.68 22.66 -31.72
N ASP C 238 -23.62 22.46 -30.92
CA ASP C 238 -22.21 22.74 -31.29
C ASP C 238 -21.29 21.87 -30.43
N THR C 239 -20.48 21.01 -31.08
CA THR C 239 -19.49 20.12 -30.44
C THR C 239 -18.11 20.78 -30.43
N THR C 240 -17.98 22.01 -30.92
CA THR C 240 -16.73 22.82 -30.84
C THR C 240 -16.32 22.87 -29.38
N GLY C 241 -15.08 22.47 -29.08
CA GLY C 241 -14.49 22.56 -27.73
C GLY C 241 -14.88 21.39 -26.83
N ALA C 242 -15.63 20.41 -27.31
CA ALA C 242 -16.10 19.27 -26.50
C ALA C 242 -14.88 18.55 -25.92
N GLY C 243 -13.90 18.26 -26.77
CA GLY C 243 -12.64 17.63 -26.39
C GLY C 243 -11.90 18.43 -25.34
N ASP C 244 -11.73 19.73 -25.56
CA ASP C 244 -11.01 20.66 -24.66
C ASP C 244 -11.71 20.59 -23.29
N VAL C 245 -13.03 20.74 -23.29
CA VAL C 245 -13.88 20.77 -22.06
C VAL C 245 -13.75 19.42 -21.34
N PHE C 246 -13.79 18.33 -22.09
CA PHE C 246 -13.64 16.95 -21.55
C PHE C 246 -12.32 16.84 -20.78
N HIS C 247 -11.22 17.28 -21.41
CA HIS C 247 -9.84 17.18 -20.87
C HIS C 247 -9.72 18.03 -19.59
N GLY C 248 -10.27 19.24 -19.58
CA GLY C 248 -10.32 20.08 -18.38
C GLY C 248 -11.04 19.37 -17.25
N ALA C 249 -12.27 18.91 -17.54
CA ALA C 249 -13.12 18.18 -16.56
C ALA C 249 -12.36 16.93 -16.07
N LEU C 250 -11.78 16.15 -16.99
CA LEU C 250 -11.04 14.90 -16.69
C LEU C 250 -9.93 15.19 -15.68
N ALA C 251 -9.15 16.25 -15.89
CA ALA C 251 -7.99 16.63 -15.05
C ALA C 251 -8.48 16.92 -13.62
N VAL C 252 -9.52 17.72 -13.49
CA VAL C 252 -10.16 18.02 -12.17
C VAL C 252 -10.62 16.68 -11.54
N ALA C 253 -11.39 15.87 -12.25
CA ALA C 253 -11.96 14.60 -11.73
C ALA C 253 -10.84 13.66 -11.32
N LEU C 254 -9.80 13.51 -12.12
CA LEU C 254 -8.68 12.58 -11.80
C LEU C 254 -7.98 13.07 -10.52
N ALA C 255 -7.81 14.38 -10.38
CA ALA C 255 -7.11 15.01 -9.22
C ALA C 255 -7.95 14.88 -7.95
N THR C 256 -9.27 14.81 -8.08
CA THR C 256 -10.26 14.82 -6.96
C THR C 256 -10.39 13.39 -6.45
N SER C 257 -10.79 12.45 -7.31
CA SER C 257 -11.23 11.07 -6.94
C SER C 257 -10.10 10.04 -7.17
N GLY C 258 -9.28 10.20 -8.21
CA GLY C 258 -8.29 9.20 -8.64
C GLY C 258 -8.94 7.96 -9.25
N ASP C 259 -10.27 7.96 -9.43
CA ASP C 259 -11.04 6.84 -10.04
C ASP C 259 -11.26 7.13 -11.54
N LEU C 260 -10.67 6.32 -12.41
CA LEU C 260 -10.73 6.49 -13.88
C LEU C 260 -12.18 6.49 -14.36
N ALA C 261 -12.95 5.44 -14.05
CA ALA C 261 -14.34 5.26 -14.53
C ALA C 261 -15.20 6.45 -14.08
N GLU C 262 -15.09 6.89 -12.83
CA GLU C 262 -15.88 8.02 -12.29
C GLU C 262 -15.45 9.30 -13.04
N SER C 263 -14.13 9.46 -13.23
CA SER C 263 -13.51 10.65 -13.87
C SER C 263 -13.97 10.76 -15.33
N VAL C 264 -13.94 9.65 -16.07
CA VAL C 264 -14.33 9.61 -17.51
C VAL C 264 -15.85 9.86 -17.63
N ARG C 265 -16.65 9.37 -16.69
CA ARG C 265 -18.11 9.58 -16.69
C ARG C 265 -18.35 11.07 -16.46
N PHE C 266 -17.66 11.64 -15.48
CA PHE C 266 -17.81 13.05 -15.08
C PHE C 266 -17.52 13.98 -16.27
N ALA C 267 -16.40 13.72 -16.95
CA ALA C 267 -15.89 14.52 -18.09
C ALA C 267 -16.85 14.39 -19.28
N SER C 268 -17.29 13.17 -19.58
CA SER C 268 -18.33 12.84 -20.58
C SER C 268 -19.59 13.68 -20.31
N GLY C 269 -19.95 13.84 -19.04
CA GLY C 269 -21.13 14.62 -18.59
C GLY C 269 -20.96 16.10 -18.85
N VAL C 270 -19.82 16.67 -18.41
CA VAL C 270 -19.50 18.11 -18.60
C VAL C 270 -19.52 18.44 -20.11
N ALA C 271 -18.84 17.64 -20.91
CA ALA C 271 -18.66 17.84 -22.36
C ALA C 271 -20.01 17.74 -23.07
N ALA C 272 -20.83 16.74 -22.74
CA ALA C 272 -22.19 16.54 -23.28
C ALA C 272 -23.01 17.82 -23.09
N LEU C 273 -23.13 18.30 -21.85
CA LEU C 273 -23.91 19.53 -21.55
C LEU C 273 -23.39 20.69 -22.41
N LYS C 274 -22.07 20.81 -22.59
CA LYS C 274 -21.46 21.90 -23.40
C LYS C 274 -21.96 21.85 -24.84
N CYS C 275 -22.27 20.67 -25.37
CA CYS C 275 -22.67 20.48 -26.78
C CYS C 275 -24.05 21.10 -27.07
N THR C 276 -24.80 21.50 -26.04
CA THR C 276 -26.18 22.02 -26.16
C THR C 276 -26.20 23.54 -26.26
N ARG C 277 -25.04 24.20 -26.33
CA ARG C 277 -24.94 25.68 -26.48
C ARG C 277 -23.88 26.01 -27.53
N PRO C 278 -24.01 27.14 -28.26
CA PRO C 278 -23.05 27.50 -29.30
C PRO C 278 -21.71 27.93 -28.71
N GLY C 279 -20.61 27.66 -29.42
CA GLY C 279 -19.23 27.98 -29.02
C GLY C 279 -18.58 26.87 -28.20
N GLY C 280 -17.35 27.09 -27.73
CA GLY C 280 -16.59 26.09 -26.95
C GLY C 280 -16.78 26.23 -25.45
N ARG C 281 -17.47 27.29 -24.96
CA ARG C 281 -17.38 27.78 -23.55
C ARG C 281 -18.75 28.06 -22.94
N ALA C 282 -19.75 28.44 -23.73
CA ALA C 282 -21.03 29.02 -23.24
C ALA C 282 -21.82 27.96 -22.47
N GLY C 283 -21.72 26.71 -22.89
CA GLY C 283 -22.49 25.58 -22.32
C GLY C 283 -21.74 24.86 -21.22
N ILE C 284 -20.57 25.32 -20.78
CA ILE C 284 -19.76 24.54 -19.80
C ILE C 284 -20.53 24.55 -18.50
N PRO C 285 -20.97 23.37 -17.98
CA PRO C 285 -21.74 23.33 -16.75
C PRO C 285 -20.81 23.47 -15.54
N ASP C 286 -21.35 23.96 -14.40
CA ASP C 286 -20.65 23.99 -13.09
C ASP C 286 -20.89 22.65 -12.40
N CYS C 287 -20.34 22.48 -11.19
CA CYS C 287 -20.42 21.24 -10.37
C CYS C 287 -21.88 20.90 -10.07
N ASP C 288 -22.69 21.90 -9.72
CA ASP C 288 -24.12 21.72 -9.32
C ASP C 288 -24.91 21.22 -10.54
N GLN C 289 -24.82 21.93 -11.67
CA GLN C 289 -25.47 21.55 -12.95
C GLN C 289 -25.06 20.11 -13.34
N THR C 290 -23.78 19.79 -13.15
CA THR C 290 -23.18 18.51 -13.59
C THR C 290 -23.64 17.38 -12.65
N ARG C 291 -23.71 17.65 -11.34
CA ARG C 291 -24.19 16.67 -10.32
C ARG C 291 -25.67 16.36 -10.61
N SER C 292 -26.48 17.42 -10.83
CA SER C 292 -27.91 17.34 -11.19
C SER C 292 -28.09 16.44 -12.42
N PHE C 293 -27.32 16.70 -13.47
CA PHE C 293 -27.42 16.01 -14.77
C PHE C 293 -27.05 14.53 -14.57
N LEU C 294 -25.98 14.27 -13.82
CA LEU C 294 -25.42 12.90 -13.66
C LEU C 294 -26.30 12.07 -12.72
N SER C 295 -27.07 12.72 -11.84
CA SER C 295 -27.99 12.06 -10.90
C SER C 295 -29.07 11.26 -11.65
N LEU C 296 -29.58 11.78 -12.78
CA LEU C 296 -30.58 11.10 -13.64
C LEU C 296 -30.03 9.80 -14.24
N PHE C 297 -28.74 9.49 -14.08
CA PHE C 297 -28.08 8.28 -14.65
C PHE C 297 -27.29 7.58 -13.54
N MET D 1 34.89 33.84 13.65
CA MET D 1 34.11 32.58 13.88
C MET D 1 32.67 32.98 14.20
N ILE D 2 31.69 32.46 13.46
CA ILE D 2 30.23 32.58 13.81
C ILE D 2 29.97 31.70 15.03
N ARG D 3 29.27 32.24 16.05
CA ARG D 3 29.01 31.57 17.35
C ARG D 3 27.50 31.34 17.48
N VAL D 4 27.07 30.08 17.42
CA VAL D 4 25.63 29.67 17.37
C VAL D 4 25.28 28.88 18.64
N ALA D 5 24.14 29.19 19.26
CA ALA D 5 23.48 28.33 20.26
C ALA D 5 22.19 27.78 19.65
N CYS D 6 21.97 26.46 19.76
CA CYS D 6 20.76 25.78 19.29
C CYS D 6 20.03 25.23 20.51
N VAL D 7 18.88 25.82 20.86
CA VAL D 7 18.06 25.46 22.04
C VAL D 7 16.89 24.59 21.58
N GLY D 8 16.75 23.39 22.14
CA GLY D 8 15.59 22.54 21.87
C GLY D 8 15.83 21.11 22.26
N ILE D 9 15.33 20.17 21.47
CA ILE D 9 15.25 18.74 21.88
C ILE D 9 16.32 17.97 21.12
N THR D 10 16.78 16.86 21.71
CA THR D 10 17.65 15.86 21.05
C THR D 10 16.97 14.51 21.21
N VAL D 11 16.78 13.83 20.10
CA VAL D 11 15.90 12.65 19.96
C VAL D 11 16.70 11.60 19.17
N MET D 12 16.67 10.35 19.62
CA MET D 12 17.16 9.24 18.77
C MET D 12 16.07 8.89 17.77
N ASP D 13 16.41 8.98 16.48
CA ASP D 13 15.54 8.63 15.34
C ASP D 13 15.79 7.16 15.00
N ARG D 14 14.73 6.35 14.99
CA ARG D 14 14.76 5.01 14.38
C ARG D 14 13.95 5.10 13.09
N ILE D 15 14.63 4.97 11.94
CA ILE D 15 14.08 5.21 10.57
C ILE D 15 13.85 3.87 9.86
N TYR D 16 12.58 3.56 9.57
CA TYR D 16 12.15 2.32 8.88
C TYR D 16 11.80 2.70 7.44
N TYR D 17 12.50 2.13 6.45
CA TYR D 17 12.27 2.37 4.99
C TYR D 17 11.33 1.28 4.47
N VAL D 18 10.17 1.71 3.97
CA VAL D 18 9.02 0.83 3.61
C VAL D 18 8.69 1.03 2.13
N GLU D 19 7.82 0.19 1.57
CA GLU D 19 7.46 0.26 0.12
C GLU D 19 6.43 1.38 -0.03
N GLY D 20 5.34 1.29 0.74
CA GLY D 20 4.33 2.35 0.88
C GLY D 20 4.16 2.74 2.34
N LEU D 21 3.72 3.98 2.61
CA LEU D 21 3.30 4.43 3.96
C LEU D 21 2.07 3.63 4.35
N PRO D 22 1.99 3.14 5.62
CA PRO D 22 0.80 2.48 6.15
C PRO D 22 -0.52 3.25 5.96
N THR D 23 -1.40 2.69 5.14
CA THR D 23 -2.75 3.22 4.78
C THR D 23 -3.76 2.90 5.90
N GLU D 24 -3.73 1.68 6.45
CA GLU D 24 -4.67 1.14 7.48
C GLU D 24 -3.92 0.21 8.42
N SER D 25 -4.60 -0.34 9.43
CA SER D 25 -4.11 -1.33 10.43
C SER D 25 -3.48 -2.54 9.74
N GLY D 26 -2.54 -3.23 10.41
CA GLY D 26 -1.90 -4.47 9.92
C GLY D 26 -0.38 -4.45 10.03
N LYS D 27 0.25 -5.58 9.65
CA LYS D 27 1.72 -5.83 9.73
C LYS D 27 2.37 -5.47 8.38
N TYR D 28 3.43 -4.65 8.42
CA TYR D 28 4.25 -4.20 7.26
C TYR D 28 5.71 -4.58 7.51
N VAL D 29 6.51 -4.71 6.45
CA VAL D 29 7.92 -5.12 6.55
C VAL D 29 8.78 -3.99 5.97
N ALA D 30 9.81 -3.60 6.71
CA ALA D 30 10.79 -2.55 6.32
C ALA D 30 11.89 -3.19 5.49
N ARG D 31 12.07 -2.73 4.25
CA ARG D 31 13.17 -3.14 3.34
C ARG D 31 14.50 -2.76 4.00
N ASN D 32 14.55 -1.66 4.73
CA ASN D 32 15.82 -1.14 5.31
C ASN D 32 15.55 -0.37 6.61
N TYR D 33 16.61 -0.04 7.34
CA TYR D 33 16.57 0.58 8.68
C TYR D 33 17.86 1.36 8.89
N THR D 34 17.75 2.56 9.44
CA THR D 34 18.91 3.28 10.04
C THR D 34 18.47 3.91 11.37
N GLU D 35 19.44 4.06 12.26
CA GLU D 35 19.29 4.67 13.60
C GLU D 35 20.28 5.83 13.66
N VAL D 36 19.81 7.03 13.99
CA VAL D 36 20.58 8.29 13.83
C VAL D 36 19.98 9.30 14.82
N GLY D 37 20.77 10.23 15.34
CA GLY D 37 20.28 11.32 16.21
C GLY D 37 19.50 12.34 15.42
N GLY D 38 18.35 12.76 15.92
CA GLY D 38 17.54 13.87 15.40
C GLY D 38 17.21 14.81 16.52
N GLY D 39 16.10 15.51 16.38
CA GLY D 39 15.73 16.69 17.18
C GLY D 39 15.99 17.92 16.32
N PRO D 40 14.97 18.77 16.10
CA PRO D 40 15.17 19.98 15.30
C PRO D 40 16.43 20.75 15.72
N ALA D 41 16.49 21.25 16.95
CA ALA D 41 17.61 22.09 17.44
C ALA D 41 18.94 21.32 17.29
N ALA D 42 18.94 20.04 17.66
CA ALA D 42 20.12 19.14 17.63
C ALA D 42 20.66 19.04 16.20
N THR D 43 19.80 18.69 15.24
CA THR D 43 20.21 18.46 13.83
C THR D 43 20.65 19.81 13.23
N ALA D 44 19.97 20.90 13.56
CA ALA D 44 20.38 22.27 13.18
C ALA D 44 21.82 22.52 13.66
N ALA D 45 22.09 22.24 14.94
CA ALA D 45 23.44 22.36 15.56
C ALA D 45 24.47 21.60 14.71
N VAL D 46 24.18 20.33 14.41
CA VAL D 46 25.04 19.49 13.54
C VAL D 46 25.27 20.19 12.20
N ALA D 47 24.26 20.81 11.61
CA ALA D 47 24.39 21.46 10.28
C ALA D 47 25.33 22.67 10.41
N ALA D 48 25.09 23.54 11.40
CA ALA D 48 25.86 24.78 11.65
C ALA D 48 27.33 24.44 11.87
N ALA D 49 27.62 23.35 12.57
CA ALA D 49 28.99 22.85 12.85
C ALA D 49 29.65 22.47 11.52
N ARG D 50 28.97 21.66 10.71
CA ARG D 50 29.41 21.29 9.35
C ARG D 50 29.79 22.53 8.55
N LEU D 51 29.05 23.62 8.73
CA LEU D 51 29.21 24.88 7.93
C LEU D 51 30.25 25.80 8.59
N GLY D 52 30.94 25.31 9.63
CA GLY D 52 32.16 25.94 10.18
C GLY D 52 31.89 26.84 11.37
N ALA D 53 30.67 26.83 11.90
CA ALA D 53 30.30 27.59 13.12
C ALA D 53 30.84 26.86 14.36
N GLN D 54 31.12 27.63 15.42
CA GLN D 54 31.21 27.13 16.82
C GLN D 54 29.77 26.98 17.31
N VAL D 55 29.33 25.76 17.62
CA VAL D 55 27.92 25.48 17.96
C VAL D 55 27.80 24.94 19.39
N ASP D 56 26.85 25.48 20.15
CA ASP D 56 26.39 24.89 21.44
C ASP D 56 25.00 24.31 21.21
N PHE D 57 24.78 23.03 21.55
CA PHE D 57 23.42 22.49 21.76
C PHE D 57 23.07 22.67 23.25
N ILE D 58 21.92 23.29 23.51
CA ILE D 58 21.38 23.52 24.88
C ILE D 58 20.01 22.87 24.94
N GLY D 59 19.92 21.66 25.49
CA GLY D 59 18.66 20.94 25.70
C GLY D 59 18.76 20.03 26.90
N ARG D 60 17.94 18.99 26.92
CA ARG D 60 17.86 18.02 28.04
C ARG D 60 18.05 16.60 27.49
N VAL D 61 18.81 15.75 28.20
CA VAL D 61 18.95 14.29 27.89
C VAL D 61 18.76 13.51 29.18
N GLY D 62 18.56 12.19 29.08
CA GLY D 62 18.59 11.26 30.22
C GLY D 62 19.98 10.70 30.42
N ASP D 63 20.16 9.82 31.41
CA ASP D 63 21.46 9.16 31.72
C ASP D 63 21.41 7.72 31.21
N ASP D 64 20.63 7.45 30.16
CA ASP D 64 20.42 6.10 29.57
C ASP D 64 21.40 5.93 28.41
N ASP D 65 21.50 4.73 27.83
CA ASP D 65 22.41 4.47 26.70
C ASP D 65 22.06 5.44 25.57
N THR D 66 20.77 5.76 25.41
CA THR D 66 20.29 6.67 24.32
C THR D 66 20.91 8.06 24.55
N GLY D 67 20.73 8.61 25.75
CA GLY D 67 21.30 9.93 26.12
C GLY D 67 22.77 9.98 25.82
N ASN D 68 23.52 8.95 26.24
CA ASN D 68 25.00 8.91 26.09
C ASN D 68 25.33 8.88 24.60
N SER D 69 24.58 8.10 23.80
CA SER D 69 24.72 8.04 22.32
C SER D 69 24.48 9.42 21.73
N LEU D 70 23.38 10.08 22.11
CA LEU D 70 22.96 11.37 21.52
C LEU D 70 24.09 12.39 21.74
N LEU D 71 24.54 12.56 22.99
CA LEU D 71 25.65 13.48 23.35
C LEU D 71 26.91 13.10 22.56
N ALA D 72 27.25 11.80 22.54
CA ALA D 72 28.44 11.29 21.83
C ALA D 72 28.36 11.73 20.36
N GLU D 73 27.25 11.42 19.69
CA GLU D 73 27.06 11.76 18.25
C GLU D 73 27.28 13.27 18.07
N LEU D 74 26.69 14.09 18.92
CA LEU D 74 26.77 15.58 18.82
C LEU D 74 28.24 16.01 18.95
N GLU D 75 28.97 15.49 19.95
CA GLU D 75 30.41 15.79 20.14
C GLU D 75 31.17 15.42 18.84
N SER D 76 30.90 14.25 18.26
CA SER D 76 31.56 13.73 17.04
C SER D 76 31.30 14.66 15.85
N TRP D 77 30.20 15.39 15.84
CA TRP D 77 29.81 16.30 14.73
C TRP D 77 30.41 17.69 14.93
N GLY D 78 31.05 17.93 16.09
CA GLY D 78 31.71 19.21 16.39
C GLY D 78 30.81 20.13 17.19
N VAL D 79 29.81 19.58 17.86
CA VAL D 79 28.79 20.38 18.60
C VAL D 79 29.06 20.24 20.09
N ASN D 80 29.24 21.38 20.77
CA ASN D 80 29.48 21.42 22.23
C ASN D 80 28.16 21.13 22.97
N THR D 81 28.21 20.31 24.02
CA THR D 81 27.03 19.88 24.82
C THR D 81 27.23 20.31 26.27
N ARG D 82 28.13 21.26 26.51
CA ARG D 82 28.54 21.68 27.88
C ARG D 82 27.35 22.27 28.62
N TYR D 83 26.41 22.94 27.94
CA TYR D 83 25.25 23.62 28.58
C TYR D 83 24.01 22.72 28.59
N THR D 84 24.10 21.49 28.08
CA THR D 84 22.96 20.52 28.03
C THR D 84 22.78 19.90 29.42
N LYS D 85 21.57 19.90 29.96
CA LYS D 85 21.24 19.31 31.29
C LYS D 85 20.99 17.81 31.15
N ARG D 86 21.68 16.97 31.94
CA ARG D 86 21.46 15.50 32.07
C ARG D 86 20.58 15.21 33.29
N TYR D 87 19.41 14.61 33.11
CA TYR D 87 18.55 14.17 34.25
C TYR D 87 19.04 12.79 34.70
N ASN D 88 19.25 12.63 36.01
CA ASN D 88 19.62 11.34 36.66
C ASN D 88 18.40 10.42 36.57
N GLN D 89 18.64 9.11 36.38
CA GLN D 89 17.61 8.05 36.28
C GLN D 89 16.47 8.53 35.37
N ALA D 90 16.80 8.85 34.10
CA ALA D 90 15.86 9.43 33.12
C ALA D 90 16.06 8.81 31.74
N LYS D 91 14.95 8.54 31.06
CA LYS D 91 14.92 8.05 29.66
C LYS D 91 14.97 9.28 28.76
N SER D 92 15.75 9.22 27.69
CA SER D 92 15.83 10.26 26.64
C SER D 92 14.65 10.09 25.67
N SER D 93 14.39 11.09 24.84
CA SER D 93 13.29 11.13 23.84
C SER D 93 13.71 10.35 22.58
N GLN D 94 12.75 9.78 21.86
CA GLN D 94 13.01 8.91 20.68
C GLN D 94 11.85 9.00 19.71
N SER D 95 12.13 8.95 18.41
CA SER D 95 11.12 9.01 17.32
C SER D 95 11.23 7.78 16.43
N ALA D 96 10.09 7.19 16.06
CA ALA D 96 9.99 6.19 14.98
C ALA D 96 9.59 6.94 13.73
N ILE D 97 10.36 6.79 12.65
CA ILE D 97 10.09 7.44 11.33
C ILE D 97 9.90 6.36 10.27
N MET D 98 8.76 6.39 9.57
CA MET D 98 8.50 5.58 8.35
C MET D 98 8.80 6.42 7.11
N VAL D 99 9.60 5.90 6.17
CA VAL D 99 9.91 6.56 4.86
C VAL D 99 9.50 5.64 3.72
N ASP D 100 8.60 6.11 2.82
CA ASP D 100 8.24 5.32 1.61
C ASP D 100 9.26 5.63 0.51
N THR D 101 9.10 4.98 -0.65
CA THR D 101 10.03 5.00 -1.82
C THR D 101 10.11 6.40 -2.46
N LYS D 102 9.02 7.18 -2.44
CA LYS D 102 9.00 8.60 -2.91
C LYS D 102 9.81 9.47 -1.92
N GLY D 103 9.75 9.16 -0.62
CA GLY D 103 10.44 9.93 0.44
C GLY D 103 9.46 10.57 1.41
N GLU D 104 8.15 10.37 1.21
CA GLU D 104 7.07 10.77 2.18
C GLU D 104 7.37 10.16 3.54
N ARG D 105 7.26 10.95 4.62
CA ARG D 105 7.72 10.58 5.98
C ARG D 105 6.52 10.59 6.94
N ILE D 106 6.42 9.63 7.85
CA ILE D 106 5.54 9.68 9.07
C ILE D 106 6.47 9.69 10.29
N ILE D 107 6.32 10.65 11.18
CA ILE D 107 7.16 10.76 12.41
C ILE D 107 6.25 10.58 13.63
N ILE D 108 6.53 9.59 14.45
CA ILE D 108 5.90 9.37 15.79
C ILE D 108 6.95 9.77 16.81
N ASN D 109 6.79 10.92 17.47
CA ASN D 109 7.74 11.33 18.55
C ASN D 109 7.20 10.85 19.91
N TYR D 110 8.06 10.25 20.72
CA TYR D 110 7.87 10.11 22.19
C TYR D 110 8.76 11.10 22.94
N PRO D 111 8.22 12.23 23.44
CA PRO D 111 8.95 13.13 24.31
C PRO D 111 8.95 12.51 25.71
N SER D 112 10.12 12.16 26.23
CA SER D 112 10.31 11.57 27.59
C SER D 112 9.75 12.51 28.65
N PRO D 113 8.81 12.06 29.50
CA PRO D 113 8.30 12.88 30.59
C PRO D 113 9.30 13.07 31.73
N ASP D 114 10.36 12.26 31.78
CA ASP D 114 11.49 12.39 32.73
C ASP D 114 12.25 13.71 32.50
N LEU D 115 12.22 14.24 31.28
CA LEU D 115 12.89 15.52 30.95
C LEU D 115 11.94 16.66 31.32
N LEU D 116 12.23 17.38 32.40
CA LEU D 116 11.27 18.33 33.00
C LEU D 116 11.27 19.61 32.17
N PRO D 117 10.07 20.18 31.96
CA PRO D 117 9.92 21.36 31.12
C PRO D 117 10.59 22.63 31.69
N ASP D 118 10.81 22.70 33.01
CA ASP D 118 11.47 23.85 33.69
C ASP D 118 12.71 24.26 32.89
N ALA D 119 12.80 25.55 32.58
CA ALA D 119 13.93 26.17 31.83
C ALA D 119 14.59 27.25 32.67
N GLU D 120 14.21 27.38 33.96
CA GLU D 120 14.73 28.42 34.89
C GLU D 120 16.25 28.32 34.92
N TRP D 121 16.79 27.11 34.83
CA TRP D 121 18.26 26.84 34.89
C TRP D 121 19.04 27.55 33.77
N LEU D 122 18.40 27.99 32.68
CA LEU D 122 19.09 28.71 31.58
C LEU D 122 19.51 30.11 32.06
N GLU D 123 18.89 30.60 33.15
CA GLU D 123 19.20 31.91 33.77
C GLU D 123 20.65 31.89 34.24
N GLU D 124 21.21 30.71 34.53
CA GLU D 124 22.63 30.51 34.97
C GLU D 124 23.60 30.64 33.78
N ILE D 125 23.11 30.83 32.54
CA ILE D 125 23.99 30.90 31.33
C ILE D 125 24.01 32.35 30.84
N ASP D 126 25.16 32.80 30.33
CA ASP D 126 25.36 34.14 29.74
C ASP D 126 25.24 34.04 28.20
N PHE D 127 24.10 34.50 27.66
CA PHE D 127 23.73 34.36 26.23
C PHE D 127 24.50 35.36 25.35
N SER D 128 25.25 36.27 25.97
CA SER D 128 26.08 37.27 25.26
C SER D 128 27.21 36.59 24.47
N GLN D 129 27.50 35.31 24.74
CA GLN D 129 28.68 34.61 24.16
C GLN D 129 28.34 34.03 22.79
N TRP D 130 27.17 34.35 22.21
CA TRP D 130 26.77 33.84 20.86
C TRP D 130 26.29 34.99 19.96
N ASP D 131 26.44 34.83 18.64
CA ASP D 131 26.02 35.83 17.63
C ASP D 131 24.55 35.62 17.25
N VAL D 132 24.07 34.37 17.30
CA VAL D 132 22.66 34.00 16.99
C VAL D 132 22.21 32.92 17.96
N VAL D 133 20.93 32.89 18.30
CA VAL D 133 20.31 31.80 19.10
C VAL D 133 19.16 31.24 18.28
N LEU D 134 19.25 29.95 17.94
CA LEU D 134 18.18 29.20 17.24
C LEU D 134 17.46 28.36 18.29
N ALA D 135 16.14 28.35 18.29
CA ALA D 135 15.29 27.55 19.20
C ALA D 135 14.24 26.80 18.39
N ASP D 136 14.08 25.50 18.62
CA ASP D 136 12.88 24.76 18.17
C ASP D 136 11.76 25.01 19.19
N VAL D 137 10.53 24.63 18.84
CA VAL D 137 9.31 24.93 19.64
C VAL D 137 8.93 23.68 20.44
N ARG D 138 9.74 22.63 20.40
CA ARG D 138 9.44 21.31 21.03
C ARG D 138 9.72 21.36 22.53
N TRP D 139 10.56 22.30 22.98
CA TRP D 139 10.78 22.66 24.41
C TRP D 139 10.44 24.14 24.58
N HIS D 140 9.15 24.40 24.84
CA HIS D 140 8.53 25.76 24.89
C HIS D 140 9.29 26.66 25.87
N ASP D 141 9.38 26.26 27.14
CA ASP D 141 9.95 27.12 28.22
C ASP D 141 11.41 27.42 27.85
N GLY D 142 12.13 26.44 27.32
CA GLY D 142 13.49 26.62 26.79
C GLY D 142 13.57 27.75 25.78
N ALA D 143 12.80 27.66 24.70
CA ALA D 143 12.75 28.67 23.62
C ALA D 143 12.42 30.03 24.23
N LYS D 144 11.43 30.10 25.12
CA LYS D 144 10.97 31.37 25.74
C LYS D 144 12.14 31.98 26.53
N LYS D 145 12.72 31.24 27.48
CA LYS D 145 13.78 31.77 28.37
C LYS D 145 15.00 32.10 27.49
N ALA D 146 15.37 31.19 26.60
CA ALA D 146 16.55 31.35 25.70
C ALA D 146 16.39 32.60 24.85
N PHE D 147 15.19 32.87 24.31
CA PHE D 147 14.91 34.04 23.43
C PHE D 147 14.84 35.32 24.27
N THR D 148 14.23 35.27 25.46
CA THR D 148 14.18 36.42 26.40
C THR D 148 15.61 36.90 26.68
N LEU D 149 16.49 35.99 27.07
CA LEU D 149 17.89 36.29 27.47
C LEU D 149 18.69 36.77 26.23
N ALA D 150 18.45 36.18 25.07
CA ALA D 150 19.07 36.56 23.78
C ALA D 150 18.67 38.00 23.41
N ARG D 151 17.38 38.32 23.49
CA ARG D 151 16.84 39.69 23.26
C ARG D 151 17.59 40.66 24.18
N GLN D 152 17.66 40.36 25.48
CA GLN D 152 18.30 41.19 26.55
C GLN D 152 19.79 41.42 26.28
N ALA D 153 20.45 40.54 25.52
CA ALA D 153 21.89 40.65 25.18
C ALA D 153 22.08 41.19 23.76
N GLY D 154 20.98 41.59 23.10
CA GLY D 154 20.96 42.08 21.71
C GLY D 154 21.46 41.04 20.71
N VAL D 155 21.16 39.76 20.97
CA VAL D 155 21.57 38.62 20.10
C VAL D 155 20.38 38.23 19.20
N MET D 156 20.67 37.97 17.93
CA MET D 156 19.66 37.57 16.91
C MET D 156 18.96 36.28 17.38
N THR D 157 17.64 36.20 17.19
CA THR D 157 16.84 34.99 17.51
C THR D 157 16.23 34.44 16.22
N VAL D 158 16.29 33.11 16.07
CA VAL D 158 15.76 32.38 14.87
C VAL D 158 14.94 31.19 15.36
N LEU D 159 13.63 31.18 15.07
CA LEU D 159 12.70 30.12 15.51
C LEU D 159 12.52 29.09 14.40
N ASP D 160 12.62 27.81 14.73
CA ASP D 160 12.10 26.68 13.93
C ASP D 160 10.66 26.46 14.41
N GLY D 161 9.70 27.16 13.79
CA GLY D 161 8.26 27.09 14.13
C GLY D 161 7.60 25.88 13.49
N ASP D 162 7.90 24.67 13.94
CA ASP D 162 7.28 23.40 13.48
C ASP D 162 5.90 23.29 14.12
N ILE D 163 5.13 22.25 13.75
CA ILE D 163 3.81 21.93 14.39
C ILE D 163 4.08 21.43 15.81
N THR D 164 3.26 21.82 16.77
CA THR D 164 3.40 21.47 18.20
C THR D 164 2.07 21.70 18.88
N PRO D 165 1.67 20.85 19.84
CA PRO D 165 0.41 21.03 20.56
C PRO D 165 0.21 22.47 21.07
N GLN D 166 1.24 23.04 21.72
CA GLN D 166 1.21 24.36 22.39
C GLN D 166 1.14 25.47 21.33
N ASP D 167 0.74 26.67 21.76
CA ASP D 167 0.67 27.91 20.92
C ASP D 167 2.02 28.63 21.02
N ILE D 168 2.64 28.90 19.86
CA ILE D 168 4.03 29.42 19.76
C ILE D 168 3.99 30.94 19.56
N SER D 169 2.82 31.56 19.67
CA SER D 169 2.60 33.02 19.45
C SER D 169 3.62 33.87 20.25
N GLU D 170 3.86 33.53 21.52
CA GLU D 170 4.77 34.34 22.39
C GLU D 170 6.22 34.08 21.96
N LEU D 171 6.54 32.90 21.41
CA LEU D 171 7.89 32.60 20.84
C LEU D 171 8.14 33.46 19.59
N VAL D 172 7.19 33.42 18.64
CA VAL D 172 7.20 34.26 17.40
C VAL D 172 7.40 35.74 17.78
N ALA D 173 6.67 36.22 18.79
CA ALA D 173 6.78 37.60 19.31
C ALA D 173 8.26 37.97 19.53
N LEU D 174 9.03 37.03 20.08
CA LEU D 174 10.45 37.23 20.49
C LEU D 174 11.42 36.83 19.37
N SER D 175 10.92 36.54 18.16
CA SER D 175 11.74 35.98 17.05
C SER D 175 12.11 37.10 16.06
N ASP D 176 13.40 37.42 15.91
CA ASP D 176 13.88 38.31 14.81
C ASP D 176 13.63 37.61 13.48
N HIS D 177 13.60 36.28 13.46
CA HIS D 177 13.35 35.44 12.26
C HIS D 177 12.54 34.20 12.64
N ALA D 178 11.34 34.06 12.09
CA ALA D 178 10.42 32.94 12.39
C ALA D 178 10.22 32.12 11.11
N ALA D 179 10.96 31.02 10.99
CA ALA D 179 10.92 30.08 9.86
C ALA D 179 9.99 28.93 10.22
N PHE D 180 8.76 28.93 9.70
CA PHE D 180 7.72 27.92 10.01
C PHE D 180 7.80 26.75 9.01
N SER D 181 7.27 25.59 9.40
CA SER D 181 6.87 24.50 8.48
C SER D 181 5.43 24.79 8.03
N GLU D 182 4.94 24.16 6.96
CA GLU D 182 3.53 24.30 6.50
C GLU D 182 2.64 23.93 7.68
N PRO D 183 2.77 22.72 8.28
CA PRO D 183 1.92 22.34 9.42
C PRO D 183 2.09 23.33 10.58
N GLY D 184 3.30 23.86 10.79
CA GLY D 184 3.61 24.81 11.88
C GLY D 184 2.84 26.09 11.73
N LEU D 185 2.81 26.65 10.52
CA LEU D 185 2.16 27.95 10.22
C LEU D 185 0.65 27.78 10.26
N ALA D 186 0.14 26.66 9.74
CA ALA D 186 -1.29 26.30 9.74
C ALA D 186 -1.77 26.14 11.20
N ARG D 187 -1.06 25.37 12.03
CA ARG D 187 -1.45 25.18 13.45
C ARG D 187 -1.45 26.53 14.17
N LEU D 188 -0.50 27.42 13.85
CA LEU D 188 -0.33 28.71 14.57
C LEU D 188 -1.51 29.62 14.24
N THR D 189 -1.80 29.81 12.94
CA THR D 189 -2.66 30.92 12.46
C THR D 189 -3.98 30.42 11.89
N GLY D 190 -4.19 29.11 11.75
CA GLY D 190 -5.48 28.52 11.33
C GLY D 190 -5.64 28.43 9.82
N VAL D 191 -5.16 29.43 9.06
CA VAL D 191 -5.32 29.52 7.58
C VAL D 191 -4.61 28.30 6.96
N LYS D 192 -5.28 27.62 6.01
CA LYS D 192 -4.71 26.51 5.21
C LYS D 192 -3.98 27.09 4.00
N GLU D 193 -4.32 28.29 3.52
CA GLU D 193 -3.56 28.98 2.44
C GLU D 193 -2.28 29.58 3.03
N MET D 194 -1.11 29.08 2.59
CA MET D 194 0.25 29.48 3.06
C MET D 194 0.46 31.01 2.89
N ALA D 195 -0.01 31.57 1.77
CA ALA D 195 0.14 33.00 1.44
C ALA D 195 -0.53 33.86 2.51
N SER D 196 -1.80 33.56 2.83
CA SER D 196 -2.63 34.31 3.80
C SER D 196 -2.08 34.13 5.23
N ALA D 197 -1.70 32.89 5.55
CA ALA D 197 -1.14 32.48 6.86
C ALA D 197 0.13 33.29 7.17
N LEU D 198 1.04 33.40 6.19
CA LEU D 198 2.31 34.16 6.35
C LEU D 198 1.98 35.61 6.74
N LYS D 199 1.05 36.24 6.03
CA LYS D 199 0.56 37.62 6.30
C LYS D 199 0.06 37.69 7.76
N GLN D 200 -0.74 36.70 8.20
CA GLN D 200 -1.31 36.67 9.58
C GLN D 200 -0.17 36.52 10.61
N ALA D 201 0.84 35.71 10.29
CA ALA D 201 2.00 35.44 11.18
C ALA D 201 2.84 36.71 11.36
N GLN D 202 2.98 37.51 10.28
CA GLN D 202 3.79 38.76 10.26
C GLN D 202 3.31 39.72 11.35
N THR D 203 1.99 39.74 11.61
CA THR D 203 1.35 40.63 12.61
C THR D 203 1.93 40.39 14.01
N LEU D 204 2.46 39.18 14.27
CA LEU D 204 2.88 38.74 15.63
C LEU D 204 4.30 39.20 15.96
N THR D 205 5.09 39.63 14.97
CA THR D 205 6.55 39.91 15.20
C THR D 205 7.04 41.09 14.36
N ASN D 206 7.94 41.90 14.95
CA ASN D 206 8.67 42.99 14.24
C ASN D 206 9.84 42.39 13.43
N GLY D 207 10.05 41.09 13.51
CA GLY D 207 11.04 40.36 12.69
C GLY D 207 10.41 39.80 11.41
N HIS D 208 11.17 39.05 10.62
CA HIS D 208 10.71 38.47 9.33
C HIS D 208 10.08 37.09 9.56
N VAL D 209 9.22 36.64 8.65
CA VAL D 209 8.58 35.29 8.73
C VAL D 209 8.88 34.52 7.42
N TYR D 210 9.05 33.21 7.53
CA TYR D 210 9.34 32.28 6.41
C TYR D 210 8.45 31.05 6.56
N VAL D 211 8.21 30.31 5.46
CA VAL D 211 7.52 28.98 5.50
C VAL D 211 8.21 28.05 4.51
N THR D 212 8.66 26.88 4.99
CA THR D 212 9.22 25.80 4.16
C THR D 212 8.06 24.89 3.76
N GLN D 213 8.09 24.38 2.52
CA GLN D 213 7.01 23.59 1.90
C GLN D 213 7.63 22.39 1.16
N GLY D 214 8.63 21.74 1.75
CA GLY D 214 9.29 20.55 1.18
C GLY D 214 9.79 20.81 -0.24
N SER D 215 9.40 19.97 -1.20
CA SER D 215 9.82 20.05 -2.63
C SER D 215 9.22 21.30 -3.28
N ALA D 216 8.22 21.92 -2.65
CA ALA D 216 7.59 23.19 -3.12
C ALA D 216 8.47 24.40 -2.76
N GLY D 217 9.53 24.20 -1.96
CA GLY D 217 10.55 25.21 -1.67
C GLY D 217 10.24 26.00 -0.42
N CYS D 218 10.58 27.29 -0.41
CA CYS D 218 10.48 28.20 0.76
C CYS D 218 9.96 29.58 0.33
N ASP D 219 9.03 30.14 1.09
CA ASP D 219 8.42 31.48 0.88
C ASP D 219 8.67 32.35 2.12
N TRP D 220 8.89 33.66 1.93
CA TRP D 220 9.04 34.63 3.03
C TRP D 220 8.48 35.99 2.62
N LEU D 221 8.30 36.90 3.59
CA LEU D 221 7.79 38.27 3.36
C LEU D 221 8.95 39.25 3.44
N GLU D 222 9.16 40.01 2.36
CA GLU D 222 10.16 41.10 2.22
C GLU D 222 9.48 42.27 1.49
N ASN D 223 9.46 43.45 2.13
CA ASN D 223 9.00 44.73 1.52
C ASN D 223 7.51 44.61 1.17
N GLY D 224 6.77 43.89 2.01
CA GLY D 224 5.30 43.73 1.93
C GLY D 224 4.86 42.80 0.79
N GLY D 225 5.72 41.86 0.39
CA GLY D 225 5.49 40.97 -0.77
C GLY D 225 6.10 39.61 -0.57
N ARG D 226 5.39 38.54 -0.97
CA ARG D 226 5.84 37.12 -0.85
C ARG D 226 6.95 36.85 -1.85
N GLN D 227 8.15 36.51 -1.38
CA GLN D 227 9.29 36.02 -2.19
C GLN D 227 9.26 34.49 -2.20
N HIS D 228 9.80 33.86 -3.25
CA HIS D 228 9.80 32.39 -3.39
C HIS D 228 11.19 31.89 -3.81
N GLN D 229 11.70 30.92 -3.08
CA GLN D 229 12.87 30.08 -3.44
C GLN D 229 12.34 28.69 -3.78
N PRO D 230 12.46 28.22 -5.03
CA PRO D 230 12.15 26.83 -5.38
C PRO D 230 13.11 25.85 -4.70
N ALA D 231 12.63 24.66 -4.36
CA ALA D 231 13.50 23.54 -3.93
C ALA D 231 14.46 23.23 -5.07
N PHE D 232 15.63 22.66 -4.76
CA PHE D 232 16.57 22.15 -5.78
C PHE D 232 16.20 20.68 -6.01
N LYS D 233 15.73 20.34 -7.21
CA LYS D 233 15.34 18.95 -7.59
C LYS D 233 16.59 18.07 -7.50
N VAL D 234 16.54 17.01 -6.68
CA VAL D 234 17.69 16.07 -6.49
C VAL D 234 17.18 14.63 -6.42
N VAL D 236 16.28 11.99 -4.46
CA VAL D 236 15.77 11.99 -3.06
C VAL D 236 15.75 10.56 -2.53
N VAL D 237 16.48 10.32 -1.45
CA VAL D 237 16.49 9.05 -0.67
C VAL D 237 15.63 9.24 0.59
N ASP D 238 15.84 10.34 1.33
CA ASP D 238 15.28 10.56 2.69
C ASP D 238 15.26 12.07 2.99
N THR D 239 14.06 12.61 3.26
CA THR D 239 13.81 14.04 3.57
C THR D 239 13.83 14.26 5.09
N THR D 240 14.04 13.20 5.88
CA THR D 240 14.12 13.27 7.37
C THR D 240 15.17 14.31 7.74
N GLY D 241 14.77 15.31 8.53
CA GLY D 241 15.66 16.34 9.10
C GLY D 241 15.96 17.46 8.12
N ALA D 242 15.33 17.49 6.94
CA ALA D 242 15.57 18.55 5.93
C ALA D 242 15.27 19.92 6.58
N GLY D 243 14.13 20.03 7.27
CA GLY D 243 13.72 21.25 7.97
C GLY D 243 14.75 21.67 9.01
N ASP D 244 15.17 20.74 9.86
CA ASP D 244 16.16 20.99 10.94
C ASP D 244 17.44 21.52 10.29
N VAL D 245 17.93 20.82 9.25
CA VAL D 245 19.19 21.16 8.55
C VAL D 245 19.04 22.56 7.94
N PHE D 246 17.90 22.84 7.33
CA PHE D 246 17.60 24.15 6.67
C PHE D 246 17.74 25.26 7.72
N HIS D 247 17.14 25.08 8.89
CA HIS D 247 17.10 26.10 9.97
C HIS D 247 18.52 26.37 10.50
N GLY D 248 19.32 25.32 10.68
CA GLY D 248 20.72 25.46 11.07
C GLY D 248 21.49 26.26 10.05
N ALA D 249 21.40 25.82 8.79
CA ALA D 249 22.05 26.49 7.64
C ALA D 249 21.60 27.96 7.59
N LEU D 250 20.29 28.20 7.68
CA LEU D 250 19.67 29.56 7.60
C LEU D 250 20.29 30.47 8.68
N ALA D 251 20.43 29.99 9.91
CA ALA D 251 20.95 30.76 11.07
C ALA D 251 22.39 31.18 10.79
N VAL D 252 23.22 30.26 10.32
CA VAL D 252 24.63 30.56 9.93
C VAL D 252 24.60 31.61 8.81
N ALA D 253 23.84 31.38 7.74
CA ALA D 253 23.80 32.27 6.55
C ALA D 253 23.30 33.67 6.98
N LEU D 254 22.26 33.75 7.81
CA LEU D 254 21.69 35.05 8.23
C LEU D 254 22.73 35.81 9.05
N ALA D 255 23.54 35.11 9.84
CA ALA D 255 24.57 35.71 10.73
C ALA D 255 25.80 36.15 9.90
N THR D 256 26.07 35.50 8.77
CA THR D 256 27.25 35.72 7.90
C THR D 256 26.98 36.95 7.00
N SER D 257 25.89 36.91 6.22
CA SER D 257 25.60 37.89 5.14
C SER D 257 24.52 38.90 5.58
N GLY D 258 23.54 38.50 6.40
CA GLY D 258 22.35 39.31 6.71
C GLY D 258 21.42 39.48 5.52
N ASP D 259 21.67 38.76 4.42
CA ASP D 259 20.84 38.80 3.18
C ASP D 259 19.86 37.62 3.21
N LEU D 260 18.56 37.93 3.29
CA LEU D 260 17.49 36.89 3.42
C LEU D 260 17.53 35.97 2.19
N ALA D 261 17.44 36.53 0.98
CA ALA D 261 17.37 35.76 -0.29
C ALA D 261 18.59 34.84 -0.42
N GLU D 262 19.79 35.34 -0.14
CA GLU D 262 21.04 34.54 -0.23
C GLU D 262 21.00 33.43 0.82
N SER D 263 20.55 33.78 2.04
CA SER D 263 20.47 32.87 3.22
C SER D 263 19.49 31.74 2.94
N VAL D 264 18.31 32.04 2.39
CA VAL D 264 17.24 31.04 2.07
C VAL D 264 17.72 30.14 0.93
N ARG D 265 18.45 30.68 -0.04
CA ARG D 265 18.97 29.92 -1.19
C ARG D 265 19.99 28.94 -0.63
N PHE D 266 20.89 29.44 0.23
CA PHE D 266 21.99 28.65 0.83
C PHE D 266 21.42 27.46 1.60
N ALA D 267 20.43 27.71 2.46
CA ALA D 267 19.77 26.72 3.35
C ALA D 267 19.03 25.68 2.50
N SER D 268 18.29 26.14 1.48
CA SER D 268 17.60 25.29 0.47
C SER D 268 18.62 24.33 -0.16
N GLY D 269 19.82 24.82 -0.44
CA GLY D 269 20.91 24.03 -1.05
C GLY D 269 21.45 22.97 -0.09
N VAL D 270 21.76 23.37 1.15
CA VAL D 270 22.26 22.44 2.20
C VAL D 270 21.23 21.30 2.40
N ALA D 271 19.96 21.66 2.58
CA ALA D 271 18.85 20.73 2.89
C ALA D 271 18.64 19.77 1.70
N ALA D 272 18.64 20.29 0.47
CA ALA D 272 18.50 19.50 -0.78
C ALA D 272 19.57 18.39 -0.79
N LEU D 273 20.84 18.76 -0.67
CA LEU D 273 21.95 17.76 -0.67
C LEU D 273 21.70 16.69 0.40
N LYS D 274 21.22 17.10 1.59
CA LYS D 274 20.96 16.15 2.70
C LYS D 274 19.91 15.11 2.28
N CYS D 275 18.97 15.46 1.40
CA CYS D 275 17.85 14.56 0.99
C CYS D 275 18.34 13.37 0.14
N THR D 276 19.61 13.39 -0.30
CA THR D 276 20.21 12.35 -1.19
C THR D 276 20.93 11.27 -0.37
N ARG D 277 20.87 11.31 0.95
CA ARG D 277 21.53 10.30 1.84
C ARG D 277 20.55 9.91 2.94
N PRO D 278 20.62 8.66 3.46
CA PRO D 278 19.67 8.22 4.48
C PRO D 278 19.96 8.89 5.84
N GLY D 279 18.91 9.16 6.62
CA GLY D 279 19.01 9.79 7.94
C GLY D 279 18.91 11.30 7.88
N GLY D 280 19.01 11.95 9.04
CA GLY D 280 18.87 13.41 9.18
C GLY D 280 20.20 14.13 9.10
N ARG D 281 21.34 13.42 9.08
CA ARG D 281 22.69 14.01 9.33
C ARG D 281 23.73 13.59 8.30
N ALA D 282 23.63 12.38 7.72
CA ALA D 282 24.73 11.74 6.94
C ALA D 282 25.03 12.56 5.67
N GLY D 283 24.01 13.16 5.06
CA GLY D 283 24.13 13.91 3.80
C GLY D 283 24.35 15.40 4.02
N ILE D 284 24.57 15.89 5.25
CA ILE D 284 24.70 17.36 5.49
C ILE D 284 25.98 17.81 4.81
N PRO D 285 25.90 18.70 3.80
CA PRO D 285 27.09 19.16 3.10
C PRO D 285 27.83 20.24 3.89
N ASP D 286 29.12 20.42 3.60
CA ASP D 286 29.99 21.53 4.08
C ASP D 286 29.75 22.75 3.19
N CYS D 287 30.36 23.90 3.51
CA CYS D 287 30.27 25.17 2.73
C CYS D 287 30.79 24.94 1.30
N ASP D 288 31.92 24.22 1.18
CA ASP D 288 32.61 23.99 -0.12
C ASP D 288 31.68 23.13 -1.00
N GLN D 289 31.21 21.99 -0.49
CA GLN D 289 30.28 21.08 -1.19
C GLN D 289 29.01 21.85 -1.61
N THR D 290 28.51 22.74 -0.77
CA THR D 290 27.24 23.49 -0.99
C THR D 290 27.48 24.57 -2.05
N ARG D 291 28.63 25.27 -2.00
CA ARG D 291 29.00 26.30 -3.01
C ARG D 291 29.17 25.61 -4.38
N SER D 292 29.88 24.47 -4.41
CA SER D 292 30.09 23.61 -5.61
C SER D 292 28.73 23.25 -6.23
N PHE D 293 27.80 22.75 -5.41
CA PHE D 293 26.47 22.28 -5.85
C PHE D 293 25.67 23.47 -6.40
N LEU D 294 25.72 24.62 -5.72
CA LEU D 294 24.89 25.81 -6.08
C LEU D 294 25.49 26.51 -7.31
N SER D 295 26.79 26.32 -7.59
CA SER D 295 27.44 26.77 -8.84
C SER D 295 26.87 25.97 -10.03
N LEU D 296 26.68 24.65 -9.89
CA LEU D 296 26.14 23.74 -10.95
C LEU D 296 24.64 24.06 -11.11
PG ANP E . -0.26 -16.95 18.38
O1G ANP E . 0.90 -17.25 17.41
O2G ANP E . 0.27 -17.17 19.78
O3G ANP E . -0.67 -15.49 18.28
PB ANP E . -1.33 -19.58 17.67
O1B ANP E . -2.15 -19.96 16.48
O2B ANP E . 0.09 -20.08 17.75
N3B ANP E . -1.50 -18.00 18.08
PA ANP E . -3.37 -20.62 19.42
O1A ANP E . -4.18 -19.42 19.03
O2A ANP E . -3.76 -21.97 18.89
O3A ANP E . -1.89 -20.40 18.89
O5' ANP E . -3.14 -20.69 21.02
C5' ANP E . -2.31 -21.72 21.60
C4' ANP E . -2.98 -22.33 22.81
O4' ANP E . -3.31 -21.31 23.78
C3' ANP E . -4.30 -23.06 22.54
O3' ANP E . -4.10 -24.43 22.25
C2' ANP E . -5.03 -22.91 23.88
O2' ANP E . -4.69 -24.02 24.70
C1' ANP E . -4.58 -21.54 24.36
N9 ANP E . -5.48 -20.44 23.96
C8 ANP E . -5.37 -19.54 22.94
N7 ANP E . -6.39 -18.69 22.86
C5 ANP E . -7.22 -19.07 23.91
C6 ANP E . -8.45 -18.58 24.38
N6 ANP E . -9.10 -17.57 23.82
N1 ANP E . -9.00 -19.20 25.44
C2 ANP E . -8.35 -20.21 26.02
N3 ANP E . -7.19 -20.76 25.66
C4 ANP E . -6.67 -20.14 24.59
MG MG F . 2.14 -18.77 16.99
PG ANP G . -15.45 -23.36 -0.87
O1G ANP G . -14.79 -24.62 -0.35
O2G ANP G . -15.17 -23.27 -2.37
O3G ANP G . -16.96 -23.49 -0.72
PB ANP G . -14.16 -20.82 -0.33
O1B ANP G . -13.36 -20.39 0.85
O2B ANP G . -13.42 -21.07 -1.63
N3B ANP G . -15.01 -22.12 0.08
PA ANP G . -15.84 -18.70 0.57
O1A ANP G . -16.24 -19.51 1.76
O2A ANP G . -14.90 -17.57 0.80
O3A ANP G . -15.20 -19.66 -0.54
O5' ANP G . -17.19 -18.14 -0.13
C5' ANP G . -17.03 -17.37 -1.33
C4' ANP G . -18.00 -16.23 -1.37
O4' ANP G . -19.33 -16.79 -1.27
C3' ANP G . -17.92 -15.20 -0.24
O3' ANP G . -17.04 -14.13 -0.56
C2' ANP G . -19.36 -14.70 -0.18
O2' ANP G . -19.59 -13.72 -1.17
C1' ANP G . -20.14 -15.98 -0.46
N9 ANP G . -20.49 -16.71 0.75
C8 ANP G . -19.84 -17.77 1.31
N7 ANP G . -20.40 -18.15 2.43
C5 ANP G . -21.47 -17.28 2.62
C6 ANP G . -22.43 -17.14 3.63
N6 ANP G . -22.50 -17.92 4.70
N1 ANP G . -23.34 -16.14 3.51
C2 ANP G . -23.27 -15.36 2.44
N3 ANP G . -22.42 -15.39 1.43
C4 ANP G . -21.52 -16.38 1.58
MG MG H . -12.87 -23.06 -2.95
PG ANP I . -12.91 18.72 -30.06
O1G ANP I . -13.59 19.35 -28.88
O2G ANP I . -13.13 19.68 -31.22
O3G ANP I . -11.44 18.61 -29.78
PB ANP I . -12.75 15.83 -30.55
O1B ANP I . -13.20 15.31 -31.89
O2B ANP I . -11.29 15.73 -30.19
N3B ANP I . -13.54 17.24 -30.29
PA ANP I . -14.65 14.42 -29.01
O1A ANP I . -15.57 14.95 -30.07
O2A ANP I . -14.30 12.98 -28.88
O3A ANP I . -13.23 15.08 -29.24
O5' ANP I . -15.16 15.00 -27.60
C5' ANP I . -14.71 14.35 -26.38
C4' ANP I . -15.89 13.85 -25.61
O4' ANP I . -16.90 14.88 -25.50
C3' ANP I . -16.68 12.65 -26.17
O3' ANP I . -16.01 11.41 -26.06
C2' ANP I . -17.93 12.78 -25.30
O2' ANP I . -17.67 12.33 -23.99
C1' ANP I . -18.18 14.29 -25.45
N9 ANP I . -18.86 14.55 -26.70
C8 ANP I . -18.31 14.84 -27.93
N7 ANP I . -19.20 14.89 -28.89
C5 ANP I . -20.39 14.60 -28.26
C6 ANP I . -21.73 14.51 -28.73
N6 ANP I . -22.06 14.64 -30.01
N1 ANP I . -22.70 14.21 -27.83
C2 ANP I . -22.35 14.06 -26.55
N3 ANP I . -21.13 14.10 -25.99
C4 ANP I . -20.19 14.39 -26.92
MG MG J . -16.10 16.13 -31.85
PG ANP K . 11.35 17.98 8.83
O1G ANP K . 11.27 16.47 8.77
O2G ANP K . 10.46 18.48 9.97
O3G ANP K . 12.81 18.34 9.04
PB ANP K . 9.89 20.02 7.26
O1B ANP K . 8.61 19.57 6.63
O2B ANP K . 9.88 20.97 8.43
N3B ANP K . 10.90 18.74 7.44
PA ANP K . 10.65 20.87 4.64
O1A ANP K . 10.24 19.51 4.20
O2A ANP K . 9.87 22.10 4.25
O3A ANP K . 10.69 20.90 6.22
O5' ANP K . 12.20 21.09 4.29
C5' ANP K . 12.78 22.43 4.41
C4' ANP K . 13.57 22.78 3.18
O4' ANP K . 14.29 21.62 2.69
C3' ANP K . 12.75 23.28 1.98
O3' ANP K . 12.65 24.70 2.11
C2' ANP K . 13.56 22.82 0.76
O2' ANP K . 14.43 23.82 0.25
C1' ANP K . 14.29 21.57 1.28
N9 ANP K . 13.65 20.30 0.90
C8 ANP K . 12.82 19.51 1.64
N7 ANP K . 12.40 18.45 1.01
C5 ANP K . 12.99 18.55 -0.24
C6 ANP K . 12.93 17.73 -1.39
N6 ANP K . 12.21 16.61 -1.46
N1 ANP K . 13.65 18.13 -2.47
C2 ANP K . 14.35 19.27 -2.40
N3 ANP K . 14.48 20.11 -1.37
C4 ANP K . 13.77 19.69 -0.32
#